data_9NEI
#
_entry.id   9NEI
#
_cell.length_a   1.00
_cell.length_b   1.00
_cell.length_c   1.00
_cell.angle_alpha   90.00
_cell.angle_beta   90.00
_cell.angle_gamma   90.00
#
_symmetry.space_group_name_H-M   'P 1'
#
loop_
_entity.id
_entity.type
_entity.pdbx_description
1 polymer 'Potassium voltage-gated channel protein Shaker'
2 non-polymer '(2S)-3-(hexadecanoyloxy)-2-[(9Z)-octadec-9-enoyloxy]propyl 2-(trimethylammonio)ethyl phosphate'
3 non-polymer 'POTASSIUM ION'
4 water water
#
_entity_poly.entity_id   1
_entity_poly.type   'polypeptide(L)'
_entity_poly.pdbx_seq_one_letter_code
;MGSSHHHHHHHHGSSRVSKGEELFTGVVPILVELDGDVNGHKFSVSGEGEGDATYGKLTLKLICTTGKLPVPWPTLVTTL
GYGLQCFARYPDHMKQHDFFKSAMPEGYVQERTIFFKDDGNYKTRAEVKFEGDTLVNRIELKGIDFKEDGNILGHKLEYN
YNSHNVYITADKQKNGIKANFKIRHNIEDGGVQLADHYQQNTPIGDGPVLLPDNHYLSYQSKLSKDPNEKRDHMVLLEFV
TAAGITLGMDELYKENSSSNNNNNNNNNNLGIEENLYFQGTMAAVAGLYGLGEDRQHRKKQQQQQQHQKEQLEQKEEQKK
IAERKLQLREQQLQRNSLDGYGSLPKLSSQDEEGGAGHGFGGGPQHFEPIPHDHDFCERVVINVSGLRFETQLRTLNQFP
DTLLGDPARRLRYFDPLRNEYFFDRSRPSFDAILYYYQSGGRLRRPVNVPLDVFSEEIKFYELGDQAINKFREDEGFIKE
EERPLPDNEKQRKVWLLFEYPESSQAARVVAIISVFVILLSIVIFCLETLPEFKHYKVFNTTTNGTKIEEDEVPDITDPF
FLIETLCIIWFTFELTVRFLACPNKLNFCRDVMNVIDIIAIIPYFITLATVVAEEEDTLNLPKAPVSPQDKSSNQAMSLA
ILRVIRLVRVFRIFKLSRHSKGLQILGRTLKASMRELGLLIFFLFIGVVLFSSAVYFAEAGSENSFFKSIPDAFWWAVVT
MTTVGYGDMTPVGVWGKIVGSLCAIAGVLTIALPVPVIVSNFNYFYHRETDQEEMQSQNFNHVTSCPYLPGTLVGQHMKK
SSLSESSSDMMDLDDGVESTPGLTETHPGRSAVAPFLGAQQQQQQPVASSLSMSIDKQLQHPLQQLTQTQLYQQQQQQQQ
QQQNGFKQQQQQTQQQLQQQQSHTINASAAAATSGSGSSGLTMRHNNALAVSIETDV
;
_entity_poly.pdbx_strand_id   A,B,C,D,G
#
# COMPACT_ATOMS: atom_id res chain seq x y z
N LEU A 497 26.78 27.34 -34.59
CA LEU A 497 25.63 27.04 -33.75
C LEU A 497 25.87 25.79 -32.91
N PHE A 498 24.87 24.91 -32.88
CA PHE A 498 24.94 23.66 -32.11
C PHE A 498 25.25 23.92 -30.64
N GLU A 499 24.78 25.05 -30.12
CA GLU A 499 24.93 25.38 -28.71
C GLU A 499 23.95 24.63 -27.82
N TYR A 500 22.93 24.00 -28.40
CA TYR A 500 21.91 23.33 -27.61
C TYR A 500 22.47 22.24 -26.69
N PRO A 501 23.29 21.28 -27.17
CA PRO A 501 23.79 20.24 -26.27
C PRO A 501 24.71 20.78 -25.18
N GLU A 502 25.76 21.51 -25.58
CA GLU A 502 26.74 22.04 -24.63
C GLU A 502 26.22 23.38 -24.11
N SER A 503 25.43 23.32 -23.05
CA SER A 503 24.92 24.53 -22.42
C SER A 503 26.06 25.33 -21.81
N SER A 504 26.00 26.65 -21.94
CA SER A 504 27.04 27.54 -21.41
C SER A 504 26.41 28.74 -20.74
N GLN A 505 26.41 29.88 -21.42
CA GLN A 505 25.72 31.08 -20.94
C GLN A 505 24.52 31.44 -21.80
N ALA A 506 24.74 31.84 -23.04
CA ALA A 506 23.63 32.06 -23.96
C ALA A 506 22.90 30.76 -24.27
N ALA A 507 23.59 29.63 -24.18
CA ALA A 507 22.96 28.34 -24.41
C ALA A 507 22.14 27.89 -23.21
N ARG A 508 22.35 28.52 -22.06
CA ARG A 508 21.59 28.18 -20.86
C ARG A 508 20.19 28.78 -20.91
N VAL A 509 20.10 30.03 -21.35
CA VAL A 509 18.80 30.66 -21.46
C VAL A 509 17.94 29.96 -22.50
N VAL A 510 18.58 29.40 -23.55
CA VAL A 510 17.82 28.62 -24.51
C VAL A 510 17.26 27.36 -23.85
N ALA A 511 17.99 26.77 -22.91
CA ALA A 511 17.48 25.60 -22.22
C ALA A 511 16.32 25.97 -21.31
N ILE A 512 16.41 27.10 -20.61
CA ILE A 512 15.29 27.49 -19.76
C ILE A 512 14.08 27.84 -20.61
N ILE A 513 14.30 28.42 -21.80
CA ILE A 513 13.18 28.72 -22.69
C ILE A 513 12.54 27.43 -23.19
N SER A 514 13.35 26.42 -23.49
CA SER A 514 12.78 25.16 -23.95
C SER A 514 11.97 24.49 -22.85
N VAL A 515 12.45 24.56 -21.60
CA VAL A 515 11.70 23.95 -20.51
C VAL A 515 10.39 24.70 -20.29
N PHE A 516 10.43 26.03 -20.40
CA PHE A 516 9.20 26.79 -20.23
C PHE A 516 8.20 26.51 -21.35
N VAL A 517 8.69 26.35 -22.59
CA VAL A 517 7.79 26.05 -23.69
C VAL A 517 7.19 24.66 -23.53
N ILE A 518 7.96 23.69 -23.02
CA ILE A 518 7.41 22.35 -22.83
C ILE A 518 6.33 22.37 -21.76
N LEU A 519 6.59 23.06 -20.65
CA LEU A 519 5.58 23.12 -19.59
C LEU A 519 4.35 23.87 -20.08
N LEU A 520 4.54 24.90 -20.91
CA LEU A 520 3.40 25.63 -21.43
C LEU A 520 2.58 24.76 -22.37
N SER A 521 3.24 23.92 -23.16
CA SER A 521 2.48 23.02 -24.04
C SER A 521 1.69 22.00 -23.23
N ILE A 522 2.28 21.49 -22.15
CA ILE A 522 1.54 20.54 -21.31
C ILE A 522 0.34 21.22 -20.68
N VAL A 523 0.51 22.47 -20.23
CA VAL A 523 -0.61 23.18 -19.63
C VAL A 523 -1.69 23.47 -20.67
N ILE A 524 -1.28 23.80 -21.89
CA ILE A 524 -2.27 24.04 -22.95
C ILE A 524 -3.03 22.77 -23.27
N PHE A 525 -2.37 21.62 -23.20
CA PHE A 525 -3.05 20.34 -23.39
C PHE A 525 -4.12 20.13 -22.32
N CYS A 526 -3.69 20.21 -21.05
CA CYS A 526 -4.60 19.90 -19.95
C CYS A 526 -5.70 20.95 -19.82
N LEU A 527 -5.50 22.15 -20.36
CA LEU A 527 -6.56 23.14 -20.34
C LEU A 527 -7.46 23.03 -21.56
N GLU A 528 -6.90 22.60 -22.69
CA GLU A 528 -7.71 22.42 -23.89
C GLU A 528 -8.72 21.31 -23.69
N THR A 529 -8.42 20.35 -22.84
CA THR A 529 -9.42 19.32 -22.59
C THR A 529 -10.59 19.80 -21.74
N LEU A 530 -10.49 20.99 -21.11
CA LEU A 530 -11.47 21.39 -20.12
C LEU A 530 -12.85 21.64 -20.74
N PRO A 531 -13.93 21.34 -20.00
CA PRO A 531 -15.28 21.60 -20.52
C PRO A 531 -15.55 23.06 -20.85
N GLU A 532 -14.95 24.01 -20.13
CA GLU A 532 -15.25 25.42 -20.37
C GLU A 532 -14.84 25.84 -21.77
N PHE A 533 -13.87 25.17 -22.36
CA PHE A 533 -13.39 25.52 -23.69
C PHE A 533 -13.71 24.42 -24.70
N ASP A 558 -9.78 28.49 -30.28
CA ASP A 558 -8.83 29.20 -31.15
C ASP A 558 -7.58 29.71 -30.41
N PRO A 559 -7.73 30.47 -29.31
CA PRO A 559 -6.53 30.96 -28.62
C PRO A 559 -5.63 29.85 -28.13
N PHE A 560 -6.19 28.71 -27.73
CA PHE A 560 -5.34 27.58 -27.39
C PHE A 560 -4.61 27.04 -28.60
N PHE A 561 -5.25 27.07 -29.77
CA PHE A 561 -4.60 26.59 -30.98
C PHE A 561 -3.43 27.47 -31.38
N LEU A 562 -3.50 28.77 -31.09
CA LEU A 562 -2.38 29.64 -31.43
C LEU A 562 -1.17 29.35 -30.56
N ILE A 563 -1.38 29.17 -29.26
CA ILE A 563 -0.28 28.80 -28.38
C ILE A 563 0.26 27.42 -28.74
N GLU A 564 -0.62 26.51 -29.18
CA GLU A 564 -0.15 25.20 -29.61
C GLU A 564 0.70 25.31 -30.87
N THR A 565 0.30 26.16 -31.80
CA THR A 565 1.09 26.36 -33.01
C THR A 565 2.43 27.01 -32.68
N LEU A 566 2.46 27.93 -31.72
CA LEU A 566 3.72 28.55 -31.34
C LEU A 566 4.66 27.54 -30.69
N CYS A 567 4.13 26.69 -29.81
CA CYS A 567 4.97 25.66 -29.21
C CYS A 567 5.45 24.66 -30.24
N ILE A 568 4.61 24.34 -31.23
CA ILE A 568 5.05 23.43 -32.28
C ILE A 568 6.12 24.08 -33.14
N ILE A 569 6.04 25.39 -33.37
CA ILE A 569 7.08 26.07 -34.13
C ILE A 569 8.39 26.07 -33.36
N TRP A 570 8.34 26.27 -32.06
CA TRP A 570 9.58 26.20 -31.28
C TRP A 570 10.14 24.78 -31.29
N PHE A 571 9.27 23.78 -31.21
CA PHE A 571 9.74 22.40 -31.22
C PHE A 571 10.39 22.06 -32.55
N THR A 572 9.76 22.45 -33.65
CA THR A 572 10.34 22.16 -34.96
C THR A 572 11.61 22.96 -35.21
N PHE A 573 11.73 24.16 -34.61
CA PHE A 573 12.97 24.91 -34.78
C PHE A 573 14.10 24.25 -34.01
N GLU A 574 13.83 23.78 -32.80
CA GLU A 574 14.85 23.04 -32.07
C GLU A 574 15.23 21.75 -32.79
N LEU A 575 14.25 21.07 -33.38
CA LEU A 575 14.53 19.83 -34.07
C LEU A 575 15.34 20.05 -35.33
N THR A 576 14.99 21.08 -36.12
CA THR A 576 15.77 21.37 -37.31
C THR A 576 17.15 21.90 -36.98
N VAL A 577 17.32 22.57 -35.83
CA VAL A 577 18.67 22.89 -35.39
C VAL A 577 19.44 21.62 -35.03
N ARG A 578 18.76 20.61 -34.50
CA ARG A 578 19.44 19.37 -34.18
C ARG A 578 19.92 18.63 -35.42
N PHE A 579 19.29 18.86 -36.56
CA PHE A 579 19.69 18.19 -37.79
C PHE A 579 20.52 19.13 -38.66
N ASP A 591 19.31 8.64 -31.89
CA ASP A 591 19.01 8.09 -30.57
C ASP A 591 17.53 8.27 -30.23
N VAL A 592 17.13 7.75 -29.07
CA VAL A 592 15.73 7.82 -28.66
C VAL A 592 15.28 9.26 -28.46
N MET A 593 16.20 10.15 -28.12
CA MET A 593 15.81 11.52 -27.80
C MET A 593 15.29 12.23 -29.04
N ASN A 594 15.92 12.00 -30.19
CA ASN A 594 15.40 12.53 -31.44
C ASN A 594 14.06 11.88 -31.80
N VAL A 595 13.86 10.63 -31.42
CA VAL A 595 12.58 9.98 -31.67
C VAL A 595 11.47 10.67 -30.88
N ILE A 596 11.76 11.03 -29.62
CA ILE A 596 10.79 11.75 -28.83
C ILE A 596 10.54 13.13 -29.42
N ASP A 597 11.60 13.77 -29.93
CA ASP A 597 11.42 15.08 -30.56
C ASP A 597 10.57 14.99 -31.82
N ILE A 598 10.63 13.86 -32.54
CA ILE A 598 9.79 13.67 -33.72
C ILE A 598 8.34 13.44 -33.29
N ILE A 599 8.15 12.57 -32.31
CA ILE A 599 6.81 12.22 -31.85
C ILE A 599 6.10 13.42 -31.25
N ALA A 600 6.87 14.35 -30.68
CA ALA A 600 6.24 15.53 -30.09
C ALA A 600 5.55 16.40 -31.12
N ILE A 601 6.04 16.44 -32.35
CA ILE A 601 5.47 17.30 -33.38
C ILE A 601 4.66 16.54 -34.41
N ILE A 602 4.73 15.22 -34.45
CA ILE A 602 3.94 14.46 -35.43
C ILE A 602 2.45 14.74 -35.33
N PRO A 603 1.80 14.68 -34.16
CA PRO A 603 0.34 14.87 -34.13
C PRO A 603 -0.13 16.21 -34.66
N TYR A 604 0.63 17.28 -34.45
CA TYR A 604 0.16 18.58 -34.93
C TYR A 604 0.12 18.64 -36.45
N PHE A 605 1.05 17.94 -37.11
CA PHE A 605 1.05 17.93 -38.57
C PHE A 605 0.10 16.88 -39.12
N ILE A 606 -0.22 15.84 -38.35
CA ILE A 606 -1.25 14.92 -38.79
C ILE A 606 -2.61 15.60 -38.83
N THR A 607 -2.86 16.55 -37.92
CA THR A 607 -4.15 17.22 -37.88
C THR A 607 -4.37 18.10 -39.10
N LEU A 608 -3.29 18.59 -39.72
CA LEU A 608 -3.43 19.48 -40.87
C LEU A 608 -3.41 18.69 -42.17
N SER A 638 -11.39 5.89 -38.78
CA SER A 638 -12.50 6.16 -37.86
C SER A 638 -12.11 7.23 -36.85
N LEU A 639 -13.05 7.60 -35.98
CA LEU A 639 -12.77 8.58 -34.95
C LEU A 639 -11.76 8.07 -33.94
N ALA A 640 -11.64 6.75 -33.80
CA ALA A 640 -10.73 6.20 -32.81
C ALA A 640 -9.28 6.55 -33.10
N ILE A 641 -8.90 6.64 -34.38
CA ILE A 641 -7.53 7.06 -34.69
C ILE A 641 -7.33 8.52 -34.31
N LEU A 642 -8.38 9.34 -34.40
CA LEU A 642 -8.26 10.73 -33.95
C LEU A 642 -8.10 10.81 -32.44
N ARG A 643 -8.84 9.98 -31.70
CA ARG A 643 -8.62 9.93 -30.27
C ARG A 643 -7.22 9.43 -29.94
N VAL A 644 -6.69 8.51 -30.75
CA VAL A 644 -5.36 7.98 -30.50
C VAL A 644 -4.30 9.05 -30.73
N ILE A 645 -4.45 9.87 -31.78
CA ILE A 645 -3.46 10.92 -32.00
C ILE A 645 -3.59 12.00 -30.93
N ARG A 646 -4.81 12.31 -30.50
CA ARG A 646 -4.96 13.28 -29.41
C ARG A 646 -4.36 12.74 -28.13
N LEU A 647 -4.35 11.42 -27.96
CA LEU A 647 -3.68 10.83 -26.80
C LEU A 647 -2.17 10.88 -26.95
N VAL A 648 -1.64 10.57 -28.14
CA VAL A 648 -0.20 10.51 -28.32
C VAL A 648 0.40 11.90 -28.31
N ARG A 649 -0.44 12.93 -28.37
CA ARG A 649 0.03 14.29 -28.11
C ARG A 649 0.69 14.42 -26.74
N VAL A 650 0.35 13.56 -25.77
CA VAL A 650 0.89 13.71 -24.43
C VAL A 650 2.39 13.50 -24.40
N PHE A 651 2.95 12.83 -25.40
CA PHE A 651 4.36 12.45 -25.39
C PHE A 651 5.29 13.65 -25.36
N ARG A 652 4.76 14.87 -25.48
CA ARG A 652 5.58 16.06 -25.33
C ARG A 652 6.21 16.15 -23.96
N ILE A 653 5.57 15.53 -22.95
CA ILE A 653 6.09 15.56 -21.59
C ILE A 653 7.45 14.88 -21.50
N PHE A 654 7.75 13.96 -22.41
CA PHE A 654 9.03 13.27 -22.39
C PHE A 654 10.16 14.11 -22.98
N LYS A 655 9.85 15.25 -23.59
CA LYS A 655 10.91 16.16 -24.02
C LYS A 655 11.67 16.73 -22.83
N LEU A 656 11.09 16.70 -21.64
CA LEU A 656 11.79 17.14 -20.45
C LEU A 656 13.01 16.29 -20.14
N SER A 657 13.05 15.06 -20.64
CA SER A 657 14.18 14.18 -20.33
C SER A 657 15.49 14.77 -20.82
N ARG A 658 15.47 15.56 -21.91
CA ARG A 658 16.70 16.17 -22.37
C ARG A 658 17.26 17.15 -21.36
N HIS A 659 16.39 17.81 -20.60
CA HIS A 659 16.83 18.78 -19.61
C HIS A 659 16.87 18.22 -18.20
N SER A 660 16.13 17.14 -17.91
CA SER A 660 16.09 16.57 -16.57
C SER A 660 17.16 15.50 -16.46
N LYS A 661 18.22 15.80 -15.71
CA LYS A 661 19.28 14.83 -15.49
C LYS A 661 18.78 13.58 -14.77
N GLY A 662 17.74 13.73 -13.94
CA GLY A 662 17.21 12.57 -13.25
C GLY A 662 16.35 11.67 -14.11
N LEU A 663 15.63 12.25 -15.08
CA LEU A 663 14.77 11.43 -15.93
C LEU A 663 15.59 10.48 -16.79
N GLN A 664 16.78 10.92 -17.23
CA GLN A 664 17.64 10.02 -18.00
C GLN A 664 18.13 8.86 -17.14
N ILE A 665 18.31 9.09 -15.84
CA ILE A 665 18.66 7.99 -14.95
C ILE A 665 17.50 7.00 -14.88
N LEU A 666 16.26 7.50 -14.91
CA LEU A 666 15.12 6.60 -14.91
C LEU A 666 15.05 5.81 -16.21
N GLY A 667 15.39 6.44 -17.34
CA GLY A 667 15.36 5.73 -18.59
C GLY A 667 16.44 4.67 -18.68
N ARG A 668 17.63 4.98 -18.17
CA ARG A 668 18.69 3.97 -18.11
C ARG A 668 18.33 2.84 -17.16
N THR A 669 17.63 3.16 -16.06
CA THR A 669 17.19 2.13 -15.14
C THR A 669 16.16 1.21 -15.79
N LEU A 670 15.26 1.78 -16.59
CA LEU A 670 14.27 0.96 -17.27
C LEU A 670 14.90 0.09 -18.34
N LYS A 671 15.81 0.66 -19.13
CA LYS A 671 16.47 -0.12 -20.16
C LYS A 671 17.37 -1.20 -19.58
N ALA A 672 17.96 -0.94 -18.41
CA ALA A 672 18.92 -1.87 -17.82
C ALA A 672 18.25 -3.00 -17.04
N SER A 673 16.94 -2.93 -16.81
CA SER A 673 16.24 -3.94 -16.03
C SER A 673 14.95 -4.38 -16.72
N MET A 674 14.97 -4.50 -18.04
CA MET A 674 13.77 -4.93 -18.74
C MET A 674 13.35 -6.34 -18.35
N ARG A 675 14.33 -7.20 -18.04
CA ARG A 675 13.99 -8.58 -17.67
C ARG A 675 13.21 -8.61 -16.37
N GLU A 676 13.57 -7.76 -15.42
CA GLU A 676 12.82 -7.69 -14.16
C GLU A 676 11.43 -7.12 -14.34
N LEU A 677 11.27 -6.11 -15.19
CA LEU A 677 9.93 -5.58 -15.45
C LEU A 677 9.05 -6.61 -16.13
N GLY A 678 9.63 -7.40 -17.05
CA GLY A 678 8.85 -8.43 -17.68
C GLY A 678 8.51 -9.56 -16.73
N LEU A 679 9.43 -9.90 -15.83
CA LEU A 679 9.13 -10.92 -14.83
C LEU A 679 8.03 -10.44 -13.88
N LEU A 680 8.02 -9.14 -13.58
CA LEU A 680 6.98 -8.59 -12.72
C LEU A 680 5.62 -8.62 -13.40
N ILE A 681 5.58 -8.23 -14.68
CA ILE A 681 4.32 -8.28 -15.42
C ILE A 681 3.85 -9.72 -15.56
N PHE A 682 4.79 -10.65 -15.68
CA PHE A 682 4.43 -12.06 -15.78
C PHE A 682 3.81 -12.56 -14.48
N PHE A 683 4.43 -12.21 -13.35
CA PHE A 683 3.85 -12.64 -12.07
C PHE A 683 2.49 -12.01 -11.85
N LEU A 684 2.31 -10.76 -12.30
CA LEU A 684 1.00 -10.13 -12.15
C LEU A 684 -0.04 -10.83 -13.02
N PHE A 685 0.33 -11.21 -14.23
CA PHE A 685 -0.63 -11.91 -15.09
C PHE A 685 -1.00 -13.26 -14.50
N ILE A 686 -0.02 -13.97 -13.93
CA ILE A 686 -0.31 -15.27 -13.34
C ILE A 686 -1.25 -15.11 -12.16
N GLY A 687 -0.95 -14.18 -11.26
CA GLY A 687 -1.77 -14.01 -10.07
C GLY A 687 -3.15 -13.50 -10.41
N VAL A 688 -3.25 -12.61 -11.40
CA VAL A 688 -4.56 -12.08 -11.80
C VAL A 688 -5.42 -13.20 -12.35
N VAL A 689 -4.89 -14.01 -13.26
CA VAL A 689 -5.70 -15.08 -13.82
C VAL A 689 -6.12 -16.07 -12.74
N LEU A 690 -5.18 -16.43 -11.86
CA LEU A 690 -5.48 -17.45 -10.85
C LEU A 690 -6.54 -16.96 -9.88
N PHE A 691 -6.33 -15.79 -9.27
CA PHE A 691 -7.29 -15.31 -8.29
C PHE A 691 -8.61 -14.90 -8.93
N SER A 692 -8.61 -14.46 -10.19
CA SER A 692 -9.88 -14.16 -10.83
C SER A 692 -10.70 -15.42 -11.04
N SER A 693 -10.05 -16.50 -11.52
CA SER A 693 -10.79 -17.74 -11.68
C SER A 693 -11.29 -18.26 -10.33
N ALA A 694 -10.47 -18.08 -9.29
CA ALA A 694 -10.86 -18.58 -7.98
C ALA A 694 -12.07 -17.82 -7.43
N VAL A 695 -12.02 -16.48 -7.46
CA VAL A 695 -13.12 -15.70 -6.92
C VAL A 695 -14.38 -15.90 -7.75
N TYR A 696 -14.24 -16.08 -9.07
CA TYR A 696 -15.43 -16.26 -9.89
C TYR A 696 -16.09 -17.59 -9.57
N PHE A 697 -15.31 -18.67 -9.53
CA PHE A 697 -15.91 -19.96 -9.23
C PHE A 697 -16.42 -20.03 -7.80
N ALA A 698 -15.84 -19.23 -6.90
CA ALA A 698 -16.40 -19.14 -5.56
C ALA A 698 -17.76 -18.43 -5.56
N GLU A 699 -17.93 -17.43 -6.41
CA GLU A 699 -19.19 -16.70 -6.47
C GLU A 699 -20.24 -17.30 -7.40
N ALA A 700 -19.88 -18.34 -8.17
CA ALA A 700 -20.79 -18.81 -9.21
C ALA A 700 -22.10 -19.35 -8.64
N GLY A 701 -22.06 -19.96 -7.45
CA GLY A 701 -23.26 -20.59 -6.93
C GLY A 701 -24.25 -19.66 -6.27
N SER A 702 -23.82 -18.46 -5.90
CA SER A 702 -24.72 -17.52 -5.23
C SER A 702 -25.71 -16.91 -6.23
N GLU A 703 -26.90 -16.61 -5.73
CA GLU A 703 -27.86 -15.86 -6.52
C GLU A 703 -27.37 -14.44 -6.72
N ASN A 704 -27.62 -13.89 -7.91
CA ASN A 704 -27.15 -12.56 -8.29
C ASN A 704 -25.65 -12.43 -8.06
N SER A 705 -24.90 -13.27 -8.76
CA SER A 705 -23.46 -13.33 -8.57
C SER A 705 -22.79 -12.00 -8.89
N PHE A 706 -21.83 -11.62 -8.06
CA PHE A 706 -21.16 -10.33 -8.23
C PHE A 706 -20.34 -10.27 -9.50
N PHE A 707 -19.80 -11.41 -9.94
CA PHE A 707 -18.89 -11.45 -11.09
C PHE A 707 -19.57 -12.21 -12.21
N LYS A 708 -19.86 -11.51 -13.31
CA LYS A 708 -20.51 -12.15 -14.45
C LYS A 708 -19.60 -13.16 -15.12
N SER A 709 -18.29 -12.97 -15.04
CA SER A 709 -17.35 -13.86 -15.72
C SER A 709 -15.97 -13.65 -15.13
N ILE A 710 -15.07 -14.59 -15.43
CA ILE A 710 -13.68 -14.47 -15.00
C ILE A 710 -13.04 -13.18 -15.51
N PRO A 711 -13.17 -12.80 -16.78
CA PRO A 711 -12.60 -11.50 -17.20
C PRO A 711 -13.16 -10.33 -16.44
N ASP A 712 -14.43 -10.40 -16.02
CA ASP A 712 -15.01 -9.33 -15.23
C ASP A 712 -14.27 -9.15 -13.90
N ALA A 713 -13.70 -10.22 -13.38
CA ALA A 713 -12.97 -10.20 -12.12
C ALA A 713 -11.53 -9.73 -12.26
N PHE A 714 -11.06 -9.50 -13.49
CA PHE A 714 -9.66 -9.10 -13.67
C PHE A 714 -9.36 -7.78 -13.00
N TRP A 715 -10.30 -6.83 -13.05
CA TRP A 715 -10.07 -5.54 -12.43
C TRP A 715 -10.02 -5.66 -10.92
N TRP A 716 -10.88 -6.49 -10.34
CA TRP A 716 -10.85 -6.71 -8.91
C TRP A 716 -9.55 -7.38 -8.49
N ALA A 717 -9.10 -8.36 -9.26
CA ALA A 717 -7.84 -9.00 -8.94
C ALA A 717 -6.67 -8.04 -9.06
N VAL A 718 -6.72 -7.12 -10.02
CA VAL A 718 -5.62 -6.18 -10.18
C VAL A 718 -5.59 -5.19 -9.02
N VAL A 719 -6.74 -4.63 -8.67
CA VAL A 719 -6.75 -3.66 -7.57
C VAL A 719 -6.48 -4.33 -6.24
N THR A 720 -6.74 -5.63 -6.10
CA THR A 720 -6.43 -6.29 -4.83
C THR A 720 -4.95 -6.69 -4.75
N MET A 721 -4.37 -7.17 -5.86
CA MET A 721 -2.97 -7.57 -5.82
C MET A 721 -2.06 -6.37 -5.57
N THR A 722 -2.40 -5.21 -6.13
CA THR A 722 -1.67 -3.98 -5.87
C THR A 722 -2.17 -3.25 -4.64
N THR A 723 -3.21 -3.76 -3.99
CA THR A 723 -3.78 -3.16 -2.79
C THR A 723 -4.23 -1.73 -3.04
N VAL A 724 -4.80 -1.47 -4.22
CA VAL A 724 -5.47 -0.19 -4.44
C VAL A 724 -6.84 -0.19 -3.77
N GLY A 725 -7.55 -1.31 -3.86
CA GLY A 725 -8.86 -1.40 -3.26
C GLY A 725 -9.98 -1.35 -4.28
N TYR A 726 -10.84 -2.37 -4.27
CA TYR A 726 -11.94 -2.43 -5.23
C TYR A 726 -13.08 -1.50 -4.85
N GLY A 727 -13.11 -1.01 -3.62
CA GLY A 727 -14.24 -0.22 -3.16
C GLY A 727 -15.21 -1.06 -2.35
N ASP A 728 -16.50 -0.89 -2.59
CA ASP A 728 -17.51 -1.69 -1.90
C ASP A 728 -17.33 -3.15 -2.31
N MET A 729 -17.48 -4.05 -1.35
CA MET A 729 -17.16 -5.46 -1.55
C MET A 729 -18.14 -6.38 -0.84
N THR A 730 -19.20 -5.82 -0.25
CA THR A 730 -20.12 -6.60 0.56
C THR A 730 -20.81 -7.75 -0.18
N PRO A 731 -21.37 -7.57 -1.40
CA PRO A 731 -22.19 -8.65 -1.96
C PRO A 731 -21.36 -9.86 -2.37
N VAL A 732 -20.62 -10.43 -1.42
CA VAL A 732 -19.71 -11.53 -1.70
C VAL A 732 -19.76 -12.51 -0.55
N GLY A 733 -19.67 -13.79 -0.87
CA GLY A 733 -19.76 -14.84 0.13
C GLY A 733 -18.43 -15.05 0.85
N VAL A 734 -18.45 -16.01 1.78
CA VAL A 734 -17.27 -16.26 2.60
C VAL A 734 -16.10 -16.73 1.75
N TRP A 735 -16.37 -17.56 0.75
CA TRP A 735 -15.29 -18.07 -0.08
C TRP A 735 -14.66 -16.97 -0.91
N GLY A 736 -15.46 -16.01 -1.36
CA GLY A 736 -14.88 -14.90 -2.10
C GLY A 736 -14.02 -14.01 -1.24
N LYS A 737 -14.43 -13.80 0.02
CA LYS A 737 -13.59 -13.03 0.93
C LYS A 737 -12.31 -13.78 1.28
N ILE A 738 -12.37 -15.11 1.36
CA ILE A 738 -11.15 -15.87 1.63
C ILE A 738 -10.20 -15.75 0.45
N VAL A 739 -10.73 -15.88 -0.77
CA VAL A 739 -9.89 -15.72 -1.95
C VAL A 739 -9.36 -14.31 -2.04
N GLY A 740 -10.12 -13.32 -1.59
CA GLY A 740 -9.64 -11.96 -1.62
C GLY A 740 -8.51 -11.71 -0.63
N SER A 741 -8.59 -12.34 0.55
CA SER A 741 -7.49 -12.23 1.50
C SER A 741 -6.23 -12.89 0.95
N LEU A 742 -6.38 -14.09 0.37
CA LEU A 742 -5.23 -14.75 -0.24
C LEU A 742 -4.67 -13.93 -1.39
N CYS A 743 -5.55 -13.28 -2.17
CA CYS A 743 -5.10 -12.44 -3.27
C CYS A 743 -4.35 -11.23 -2.76
N ALA A 744 -4.76 -10.67 -1.63
CA ALA A 744 -4.06 -9.52 -1.09
C ALA A 744 -2.66 -9.91 -0.63
N ILE A 745 -2.55 -11.02 0.10
CA ILE A 745 -1.23 -11.42 0.59
C ILE A 745 -0.31 -11.82 -0.57
N ALA A 746 -0.86 -12.54 -1.55
CA ALA A 746 -0.05 -12.89 -2.71
C ALA A 746 0.34 -11.65 -3.50
N GLY A 747 -0.50 -10.62 -3.51
CA GLY A 747 -0.12 -9.40 -4.17
C GLY A 747 1.01 -8.69 -3.47
N VAL A 748 1.03 -8.73 -2.14
CA VAL A 748 2.18 -8.20 -1.40
C VAL A 748 3.43 -8.93 -1.84
N LEU A 749 3.37 -10.27 -1.82
CA LEU A 749 4.57 -11.06 -2.12
C LEU A 749 5.01 -10.89 -3.57
N THR A 750 4.09 -10.74 -4.52
CA THR A 750 4.53 -10.71 -5.94
C THR A 750 5.27 -9.43 -6.24
N ILE A 751 4.61 -8.30 -6.14
CA ILE A 751 5.23 -7.00 -6.50
C ILE A 751 6.53 -6.81 -5.71
N ALA A 752 6.57 -7.23 -4.44
CA ALA A 752 7.75 -6.96 -3.58
C ALA A 752 8.95 -7.84 -3.92
N LEU A 753 8.86 -8.73 -4.89
CA LEU A 753 10.05 -9.51 -5.25
C LEU A 753 10.90 -8.86 -6.35
N PRO A 754 10.37 -8.61 -7.54
CA PRO A 754 11.22 -8.00 -8.59
C PRO A 754 11.76 -6.64 -8.22
N VAL A 755 11.02 -5.87 -7.42
CA VAL A 755 11.33 -4.44 -7.23
C VAL A 755 12.77 -4.20 -6.77
N PRO A 756 13.30 -4.92 -5.77
CA PRO A 756 14.64 -4.57 -5.27
C PRO A 756 15.73 -4.57 -6.34
N VAL A 757 15.66 -5.42 -7.35
CA VAL A 757 16.67 -5.37 -8.40
C VAL A 757 16.58 -4.05 -9.16
N ILE A 758 15.37 -3.57 -9.41
CA ILE A 758 15.20 -2.29 -10.09
C ILE A 758 15.69 -1.16 -9.21
N VAL A 759 15.54 -1.30 -7.90
CA VAL A 759 16.13 -0.24 -7.02
C VAL A 759 17.66 -0.30 -7.15
N SER A 760 18.27 -1.46 -6.88
CA SER A 760 19.75 -1.60 -6.90
C SER A 760 20.32 -0.93 -8.16
N ASN A 761 19.80 -1.26 -9.33
CA ASN A 761 20.37 -0.67 -10.56
C ASN A 761 20.00 0.82 -10.61
N PHE A 762 18.81 1.20 -10.17
CA PHE A 762 18.50 2.64 -10.24
C PHE A 762 19.48 3.40 -9.37
N ASN A 763 19.71 2.90 -8.17
CA ASN A 763 20.61 3.60 -7.22
C ASN A 763 22.00 3.67 -7.84
N TYR A 764 22.44 2.56 -8.44
CA TYR A 764 23.76 2.56 -9.11
C TYR A 764 23.80 3.72 -10.07
N PHE A 765 22.89 3.75 -11.03
CA PHE A 765 22.97 4.82 -12.06
C PHE A 765 22.96 6.18 -11.38
N TYR A 766 22.08 6.38 -10.41
CA TYR A 766 21.95 7.71 -9.77
C TYR A 766 23.26 8.14 -9.18
N HIS A 767 23.86 7.29 -8.35
CA HIS A 767 25.10 7.71 -7.63
C HIS A 767 26.27 7.81 -8.61
N ARG A 768 26.23 7.03 -9.68
CA ARG A 768 27.30 7.12 -10.70
C ARG A 768 27.21 8.52 -11.32
N GLU A 769 26.01 8.95 -11.67
CA GLU A 769 25.85 10.31 -12.22
C GLU A 769 26.31 11.32 -11.15
N THR A 770 25.98 11.07 -9.89
CA THR A 770 26.40 11.95 -8.79
C THR A 770 27.91 12.10 -8.82
N LEU B 497 13.10 -39.99 -29.53
CA LEU B 497 12.80 -38.57 -29.56
C LEU B 497 13.46 -37.84 -28.39
N PHE B 498 12.70 -37.72 -27.29
CA PHE B 498 13.18 -37.08 -26.07
C PHE B 498 13.64 -35.64 -26.34
N GLU B 499 13.10 -35.04 -27.39
CA GLU B 499 13.45 -33.68 -27.76
C GLU B 499 12.94 -32.66 -26.76
N TYR B 500 11.83 -32.96 -26.07
CA TYR B 500 11.18 -31.96 -25.24
C TYR B 500 12.06 -31.39 -24.13
N PRO B 501 12.73 -32.21 -23.30
CA PRO B 501 13.45 -31.61 -22.15
C PRO B 501 14.52 -30.59 -22.52
N GLU B 502 15.23 -30.76 -23.64
CA GLU B 502 16.23 -29.80 -24.07
C GLU B 502 15.68 -28.94 -25.20
N SER B 503 15.81 -27.62 -25.04
CA SER B 503 15.46 -26.68 -26.10
C SER B 503 16.72 -26.39 -26.92
N SER B 504 17.01 -27.29 -27.85
CA SER B 504 18.20 -27.18 -28.68
C SER B 504 17.96 -27.96 -29.96
N GLN B 505 18.90 -27.84 -30.89
CA GLN B 505 18.84 -28.50 -32.20
C GLN B 505 17.48 -28.29 -32.87
N ALA B 506 17.05 -27.03 -32.89
CA ALA B 506 15.76 -26.60 -33.45
C ALA B 506 14.59 -27.25 -32.72
N ALA B 507 14.71 -27.44 -31.41
CA ALA B 507 13.57 -27.78 -30.57
C ALA B 507 12.80 -26.53 -30.13
N ARG B 508 13.31 -25.34 -30.45
CA ARG B 508 12.61 -24.11 -30.07
C ARG B 508 11.23 -24.04 -30.71
N VAL B 509 11.05 -24.69 -31.86
CA VAL B 509 9.72 -24.74 -32.46
C VAL B 509 8.76 -25.51 -31.56
N VAL B 510 9.22 -26.61 -30.98
CA VAL B 510 8.36 -27.38 -30.09
C VAL B 510 8.04 -26.58 -28.83
N ALA B 511 9.01 -25.82 -28.33
CA ALA B 511 8.78 -25.04 -27.12
C ALA B 511 7.80 -23.90 -27.40
N ILE B 512 7.94 -23.23 -28.54
CA ILE B 512 6.99 -22.16 -28.84
C ILE B 512 5.61 -22.74 -29.11
N ILE B 513 5.51 -23.94 -29.68
CA ILE B 513 4.20 -24.56 -29.86
C ILE B 513 3.58 -24.89 -28.50
N SER B 514 4.39 -25.34 -27.55
CA SER B 514 3.85 -25.65 -26.23
C SER B 514 3.38 -24.39 -25.52
N VAL B 515 4.16 -23.31 -25.58
CA VAL B 515 3.76 -22.07 -24.93
C VAL B 515 2.51 -21.51 -25.58
N PHE B 516 2.40 -21.63 -26.91
CA PHE B 516 1.23 -21.12 -27.60
C PHE B 516 -0.01 -21.94 -27.25
N VAL B 517 0.12 -23.27 -27.18
CA VAL B 517 -1.03 -24.07 -26.79
C VAL B 517 -1.43 -23.79 -25.36
N ILE B 518 -0.49 -23.50 -24.47
CA ILE B 518 -0.84 -23.21 -23.08
C ILE B 518 -1.60 -21.89 -23.00
N LEU B 519 -1.09 -20.86 -23.68
CA LEU B 519 -1.79 -19.58 -23.66
C LEU B 519 -3.15 -19.68 -24.34
N LEU B 520 -3.25 -20.50 -25.38
CA LEU B 520 -4.54 -20.68 -26.04
C LEU B 520 -5.53 -21.37 -25.13
N SER B 521 -5.06 -22.35 -24.34
CA SER B 521 -5.97 -23.00 -23.40
C SER B 521 -6.41 -22.05 -22.30
N ILE B 522 -5.52 -21.18 -21.85
CA ILE B 522 -5.91 -20.21 -20.82
C ILE B 522 -6.95 -19.24 -21.39
N VAL B 523 -6.74 -18.79 -22.62
CA VAL B 523 -7.69 -17.87 -23.23
C VAL B 523 -9.03 -18.57 -23.47
N ILE B 524 -8.99 -19.84 -23.85
CA ILE B 524 -10.25 -20.56 -24.06
C ILE B 524 -11.00 -20.72 -22.75
N PHE B 525 -10.27 -20.90 -21.65
CA PHE B 525 -10.90 -20.94 -20.34
C PHE B 525 -11.60 -19.63 -20.03
N CYS B 526 -10.86 -18.53 -20.13
CA CYS B 526 -11.39 -17.22 -19.76
C CYS B 526 -12.49 -16.75 -20.68
N LEU B 527 -12.52 -17.21 -21.93
CA LEU B 527 -13.61 -16.84 -22.84
C LEU B 527 -14.79 -17.79 -22.74
N GLU B 528 -14.57 -19.06 -22.41
CA GLU B 528 -15.67 -19.97 -22.17
C GLU B 528 -16.49 -19.56 -20.97
N THR B 529 -15.86 -18.90 -19.99
CA THR B 529 -16.66 -18.43 -18.86
C THR B 529 -17.54 -17.22 -19.21
N LEU B 530 -17.34 -16.59 -20.36
CA LEU B 530 -18.04 -15.35 -20.66
C LEU B 530 -19.54 -15.58 -20.84
N PRO B 531 -20.36 -14.61 -20.43
CA PRO B 531 -21.82 -14.75 -20.60
C PRO B 531 -22.25 -14.91 -22.05
N GLU B 532 -21.54 -14.31 -23.01
CA GLU B 532 -21.98 -14.39 -24.40
C GLU B 532 -21.99 -15.82 -24.92
N PHE B 533 -21.15 -16.68 -24.35
CA PHE B 533 -21.10 -18.07 -24.79
C PHE B 533 -21.63 -19.00 -23.70
N ASP B 558 -19.86 -25.15 -28.14
CA ASP B 558 -19.30 -26.32 -28.80
C ASP B 558 -17.90 -26.09 -29.39
N PRO B 559 -17.71 -25.04 -30.19
CA PRO B 559 -16.35 -24.80 -30.73
C PRO B 559 -15.30 -24.63 -29.65
N PHE B 560 -15.65 -24.04 -28.51
CA PHE B 560 -14.69 -23.96 -27.42
C PHE B 560 -14.32 -25.32 -26.90
N PHE B 561 -15.26 -26.27 -26.90
CA PHE B 561 -14.92 -27.62 -26.50
C PHE B 561 -13.97 -28.28 -27.49
N LEU B 562 -14.06 -27.90 -28.76
CA LEU B 562 -13.13 -28.47 -29.75
C LEU B 562 -11.72 -27.98 -29.52
N ILE B 563 -11.55 -26.68 -29.30
CA ILE B 563 -10.22 -26.13 -29.02
C ILE B 563 -9.70 -26.69 -27.71
N GLU B 564 -10.58 -26.89 -26.73
CA GLU B 564 -10.15 -27.46 -25.47
C GLU B 564 -9.71 -28.91 -25.64
N THR B 565 -10.42 -29.67 -26.47
CA THR B 565 -10.01 -31.04 -26.74
C THR B 565 -8.70 -31.09 -27.50
N LEU B 566 -8.46 -30.13 -28.39
CA LEU B 566 -7.19 -30.10 -29.10
C LEU B 566 -6.04 -29.78 -28.15
N CYS B 567 -6.23 -28.80 -27.26
CA CYS B 567 -5.18 -28.49 -26.30
C CYS B 567 -4.95 -29.65 -25.35
N ILE B 568 -6.02 -30.36 -24.95
CA ILE B 568 -5.84 -31.52 -24.08
C ILE B 568 -5.14 -32.64 -24.82
N ILE B 569 -5.38 -32.79 -26.12
CA ILE B 569 -4.67 -33.82 -26.88
C ILE B 569 -3.19 -33.48 -26.94
N TRP B 570 -2.87 -32.21 -27.16
CA TRP B 570 -1.46 -31.82 -27.17
C TRP B 570 -0.82 -32.02 -25.79
N PHE B 571 -1.56 -31.73 -24.73
CA PHE B 571 -1.01 -31.90 -23.39
C PHE B 571 -0.75 -33.36 -23.08
N THR B 572 -1.75 -34.22 -23.35
CA THR B 572 -1.58 -35.63 -23.07
C THR B 572 -0.52 -36.27 -23.96
N PHE B 573 -0.34 -35.76 -25.18
CA PHE B 573 0.70 -36.31 -26.04
C PHE B 573 2.07 -35.91 -25.55
N GLU B 574 2.24 -34.64 -25.18
CA GLU B 574 3.51 -34.21 -24.60
C GLU B 574 3.83 -34.96 -23.31
N LEU B 575 2.81 -35.24 -22.51
CA LEU B 575 3.04 -35.92 -21.23
C LEU B 575 3.36 -37.40 -21.45
N THR B 576 2.62 -38.06 -22.34
CA THR B 576 2.86 -39.47 -22.59
C THR B 576 4.18 -39.70 -23.31
N VAL B 577 4.68 -38.71 -24.06
CA VAL B 577 6.01 -38.87 -24.64
C VAL B 577 7.08 -38.54 -23.62
N ARG B 578 6.84 -37.57 -22.74
CA ARG B 578 7.79 -37.27 -21.68
C ARG B 578 7.97 -38.45 -20.72
N PHE B 579 6.95 -39.27 -20.55
CA PHE B 579 7.03 -40.42 -19.65
C PHE B 579 7.57 -41.65 -20.38
N ASP B 591 8.89 -35.67 -10.23
CA ASP B 591 9.07 -34.28 -9.81
C ASP B 591 7.76 -33.51 -9.90
N VAL B 592 7.78 -32.29 -9.39
CA VAL B 592 6.55 -31.49 -9.30
C VAL B 592 6.04 -31.13 -10.69
N MET B 593 6.93 -30.97 -11.68
CA MET B 593 6.48 -30.58 -13.00
C MET B 593 5.63 -31.66 -13.66
N ASN B 594 5.98 -32.93 -13.47
CA ASN B 594 5.13 -33.99 -13.97
C ASN B 594 3.80 -34.03 -13.25
N VAL B 595 3.79 -33.67 -11.97
CA VAL B 595 2.51 -33.61 -11.24
C VAL B 595 1.64 -32.50 -11.82
N ILE B 596 2.24 -31.36 -12.16
CA ILE B 596 1.46 -30.29 -12.76
C ILE B 596 0.95 -30.68 -14.14
N ASP B 597 1.77 -31.42 -14.89
CA ASP B 597 1.33 -31.88 -16.20
C ASP B 597 0.20 -32.89 -16.09
N ILE B 598 0.16 -33.66 -15.00
CA ILE B 598 -0.96 -34.58 -14.79
C ILE B 598 -2.21 -33.81 -14.41
N ILE B 599 -2.07 -32.88 -13.46
CA ILE B 599 -3.21 -32.11 -12.96
C ILE B 599 -3.81 -31.24 -14.06
N ALA B 600 -2.99 -30.83 -15.04
CA ALA B 600 -3.53 -30.02 -16.12
C ALA B 600 -4.54 -30.80 -16.97
N ILE B 601 -4.38 -32.11 -17.08
CA ILE B 601 -5.23 -32.92 -17.95
C ILE B 601 -6.26 -33.75 -17.21
N ILE B 602 -6.13 -33.92 -15.89
CA ILE B 602 -7.14 -34.72 -15.16
C ILE B 602 -8.55 -34.15 -15.28
N PRO B 603 -8.79 -32.85 -15.05
CA PRO B 603 -10.19 -32.37 -15.07
C PRO B 603 -10.91 -32.60 -16.38
N TYR B 604 -10.21 -32.54 -17.51
CA TYR B 604 -10.89 -32.78 -18.78
C TYR B 604 -11.40 -34.20 -18.88
N PHE B 605 -10.66 -35.15 -18.29
CA PHE B 605 -11.09 -36.53 -18.33
C PHE B 605 -12.12 -36.84 -17.26
N ILE B 606 -12.11 -36.11 -16.15
CA ILE B 606 -13.12 -36.34 -15.11
C ILE B 606 -14.50 -36.00 -15.63
N THR B 607 -14.61 -34.99 -16.50
CA THR B 607 -15.91 -34.64 -17.05
C THR B 607 -16.46 -35.71 -17.97
N LEU B 608 -15.61 -36.54 -18.56
CA LEU B 608 -16.06 -37.60 -19.45
C LEU B 608 -16.18 -38.93 -18.70
N SER B 638 -22.84 -33.82 -6.04
CA SER B 638 -23.01 -32.44 -5.59
C SER B 638 -22.41 -31.47 -6.61
N LEU B 639 -23.12 -30.37 -6.86
CA LEU B 639 -22.65 -29.39 -7.84
C LEU B 639 -21.35 -28.74 -7.39
N ALA B 640 -21.08 -28.71 -6.09
CA ALA B 640 -19.86 -28.09 -5.61
C ALA B 640 -18.62 -28.82 -6.11
N ILE B 641 -18.69 -30.15 -6.26
CA ILE B 641 -17.53 -30.85 -6.81
C ILE B 641 -17.33 -30.48 -8.27
N LEU B 642 -18.41 -30.21 -9.01
CA LEU B 642 -18.26 -29.77 -10.38
C LEU B 642 -17.63 -28.38 -10.45
N ARG B 643 -18.04 -27.49 -9.54
CA ARG B 643 -17.39 -26.19 -9.48
C ARG B 643 -15.93 -26.31 -9.10
N VAL B 644 -15.60 -27.28 -8.25
CA VAL B 644 -14.21 -27.45 -7.83
C VAL B 644 -13.36 -27.96 -8.97
N ILE B 645 -13.88 -28.90 -9.76
CA ILE B 645 -13.09 -29.38 -10.90
C ILE B 645 -12.97 -28.30 -11.97
N ARG B 646 -14.04 -27.53 -12.18
CA ARG B 646 -13.95 -26.42 -13.12
C ARG B 646 -12.94 -25.39 -12.66
N LEU B 647 -12.79 -25.23 -11.34
CA LEU B 647 -11.78 -24.31 -10.82
C LEU B 647 -10.37 -24.89 -10.98
N VAL B 648 -10.20 -26.18 -10.70
CA VAL B 648 -8.87 -26.78 -10.75
C VAL B 648 -8.40 -26.94 -12.18
N ARG B 649 -9.29 -26.73 -13.15
CA ARG B 649 -8.83 -26.62 -14.53
C ARG B 649 -7.83 -25.48 -14.72
N VAL B 650 -7.83 -24.48 -13.85
CA VAL B 650 -6.95 -23.32 -14.03
C VAL B 650 -5.49 -23.71 -13.98
N PHE B 651 -5.17 -24.86 -13.37
CA PHE B 651 -3.78 -25.24 -13.11
C PHE B 651 -2.97 -25.43 -14.39
N ARG B 652 -3.60 -25.35 -15.56
CA ARG B 652 -2.85 -25.33 -16.81
C ARG B 652 -1.90 -24.14 -16.87
N ILE B 653 -2.22 -23.07 -16.13
CA ILE B 653 -1.39 -21.88 -16.14
C ILE B 653 0.00 -22.17 -15.59
N PHE B 654 0.12 -23.18 -14.73
CA PHE B 654 1.42 -23.53 -14.15
C PHE B 654 2.28 -24.36 -15.09
N LYS B 655 1.75 -24.81 -16.22
CA LYS B 655 2.57 -25.49 -17.20
C LYS B 655 3.62 -24.57 -17.80
N LEU B 656 3.42 -23.24 -17.71
CA LEU B 656 4.40 -22.29 -18.20
C LEU B 656 5.71 -22.37 -17.43
N SER B 657 5.70 -22.90 -16.21
CA SER B 657 6.91 -22.95 -15.41
C SER B 657 8.00 -23.78 -16.08
N ARG B 658 7.62 -24.78 -16.87
CA ARG B 658 8.61 -25.58 -17.57
C ARG B 658 9.38 -24.76 -18.60
N HIS B 659 8.74 -23.75 -19.19
CA HIS B 659 9.37 -22.90 -20.18
C HIS B 659 9.88 -21.58 -19.62
N SER B 660 9.31 -21.11 -18.51
CA SER B 660 9.70 -19.83 -17.92
C SER B 660 10.79 -20.07 -16.89
N LYS B 661 12.01 -19.67 -17.22
CA LYS B 661 13.13 -19.85 -16.29
C LYS B 661 12.94 -19.02 -15.03
N GLY B 662 12.21 -17.90 -15.13
CA GLY B 662 12.00 -17.07 -13.95
C GLY B 662 10.96 -17.63 -13.00
N LEU B 663 9.94 -18.30 -13.52
CA LEU B 663 8.92 -18.87 -12.64
C LEU B 663 9.48 -19.99 -11.78
N GLN B 664 10.45 -20.76 -12.31
CA GLN B 664 11.10 -21.77 -11.49
C GLN B 664 11.89 -21.13 -10.36
N ILE B 665 12.42 -19.93 -10.58
CA ILE B 665 13.08 -19.22 -9.49
C ILE B 665 12.07 -18.87 -8.41
N LEU B 666 10.84 -18.51 -8.81
CA LEU B 666 9.80 -18.25 -7.83
C LEU B 666 9.43 -19.52 -7.08
N GLY B 667 9.43 -20.67 -7.76
CA GLY B 667 9.12 -21.90 -7.07
C GLY B 667 10.20 -22.31 -6.09
N ARG B 668 11.46 -22.11 -6.47
CA ARG B 668 12.56 -22.40 -5.55
C ARG B 668 12.55 -21.43 -4.38
N THR B 669 12.12 -20.18 -4.61
CA THR B 669 12.03 -19.23 -3.51
C THR B 669 10.91 -19.61 -2.55
N LEU B 670 9.77 -20.04 -3.08
CA LEU B 670 8.68 -20.46 -2.21
C LEU B 670 9.03 -21.73 -1.44
N LYS B 671 9.84 -22.60 -2.04
CA LYS B 671 10.24 -23.81 -1.32
C LYS B 671 11.27 -23.51 -0.25
N ALA B 672 12.22 -22.62 -0.55
CA ALA B 672 13.30 -22.33 0.39
C ALA B 672 12.81 -21.60 1.64
N SER B 673 11.69 -20.91 1.56
CA SER B 673 11.24 -20.05 2.66
C SER B 673 9.81 -20.38 3.07
N MET B 674 9.50 -21.66 3.20
CA MET B 674 8.18 -22.04 3.70
C MET B 674 7.96 -21.58 5.12
N ARG B 675 9.02 -21.56 5.94
CA ARG B 675 8.89 -21.06 7.30
C ARG B 675 8.54 -19.58 7.30
N GLU B 676 9.02 -18.84 6.32
CA GLU B 676 8.69 -17.42 6.23
C GLU B 676 7.21 -17.23 5.92
N LEU B 677 6.68 -18.00 4.96
CA LEU B 677 5.28 -17.89 4.64
C LEU B 677 4.41 -18.31 5.81
N GLY B 678 4.85 -19.33 6.55
CA GLY B 678 4.08 -19.76 7.71
C GLY B 678 4.09 -18.72 8.81
N LEU B 679 5.23 -18.08 9.04
CA LEU B 679 5.30 -17.03 10.04
C LEU B 679 4.45 -15.83 9.63
N LEU B 680 4.42 -15.53 8.34
CA LEU B 680 3.63 -14.39 7.87
C LEU B 680 2.14 -14.66 8.02
N ILE B 681 1.70 -15.87 7.64
CA ILE B 681 0.30 -16.22 7.82
C ILE B 681 -0.06 -16.28 9.30
N PHE B 682 0.88 -16.68 10.14
CA PHE B 682 0.62 -16.69 11.58
C PHE B 682 0.42 -15.28 12.12
N PHE B 683 1.26 -14.34 11.66
CA PHE B 683 1.12 -12.97 12.14
C PHE B 683 -0.19 -12.36 11.64
N LEU B 684 -0.57 -12.62 10.38
CA LEU B 684 -1.85 -12.12 9.90
C LEU B 684 -3.01 -12.76 10.65
N PHE B 685 -2.90 -14.03 11.02
CA PHE B 685 -3.98 -14.67 11.77
C PHE B 685 -4.14 -14.01 13.13
N ILE B 686 -3.03 -13.79 13.83
CA ILE B 686 -3.10 -13.19 15.15
C ILE B 686 -3.64 -11.77 15.06
N GLY B 687 -3.18 -11.00 14.07
CA GLY B 687 -3.64 -9.63 13.96
C GLY B 687 -5.10 -9.54 13.56
N VAL B 688 -5.56 -10.43 12.69
CA VAL B 688 -6.95 -10.42 12.28
C VAL B 688 -7.84 -10.76 13.46
N VAL B 689 -7.49 -11.80 14.23
CA VAL B 689 -8.33 -12.15 15.36
C VAL B 689 -8.36 -11.02 16.38
N LEU B 690 -7.19 -10.44 16.66
CA LEU B 690 -7.12 -9.41 17.69
C LEU B 690 -7.92 -8.17 17.29
N PHE B 691 -7.63 -7.62 16.11
CA PHE B 691 -8.30 -6.39 15.70
C PHE B 691 -9.78 -6.63 15.40
N SER B 692 -10.17 -7.83 14.96
CA SER B 692 -11.59 -8.08 14.76
C SER B 692 -12.32 -8.11 16.08
N SER B 693 -11.75 -8.76 17.10
CA SER B 693 -12.40 -8.74 18.41
C SER B 693 -12.47 -7.33 18.96
N ALA B 694 -11.41 -6.54 18.74
CA ALA B 694 -11.39 -5.18 19.27
C ALA B 694 -12.45 -4.32 18.60
N VAL B 695 -12.51 -4.33 17.27
CA VAL B 695 -13.47 -3.49 16.57
C VAL B 695 -14.90 -3.93 16.86
N TYR B 696 -15.11 -5.24 17.02
CA TYR B 696 -16.47 -5.69 17.29
C TYR B 696 -16.93 -5.26 18.66
N PHE B 697 -16.08 -5.46 19.67
CA PHE B 697 -16.49 -5.06 21.02
C PHE B 697 -16.58 -3.55 21.15
N ALA B 698 -15.80 -2.81 20.36
CA ALA B 698 -15.98 -1.36 20.31
C ALA B 698 -17.32 -0.98 19.69
N GLU B 699 -17.79 -1.76 18.72
CA GLU B 699 -19.05 -1.45 18.05
C GLU B 699 -20.28 -2.05 18.73
N ALA B 700 -20.10 -2.87 19.77
CA ALA B 700 -21.23 -3.59 20.33
C ALA B 700 -22.26 -2.66 20.96
N GLY B 701 -21.82 -1.52 21.51
CA GLY B 701 -22.74 -0.65 22.22
C GLY B 701 -23.60 0.23 21.33
N SER B 702 -23.20 0.42 20.07
CA SER B 702 -23.99 1.26 19.18
C SER B 702 -25.24 0.54 18.72
N GLU B 703 -26.31 1.31 18.49
CA GLU B 703 -27.49 0.78 17.83
C GLU B 703 -27.18 0.52 16.36
N ASN B 704 -27.74 -0.56 15.83
CA ASN B 704 -27.50 -0.98 14.45
C ASN B 704 -26.00 -1.10 14.19
N SER B 705 -25.35 -1.94 14.98
CA SER B 705 -23.90 -2.07 14.94
C SER B 705 -23.44 -2.52 13.56
N PHE B 706 -22.34 -1.92 13.10
CA PHE B 706 -21.86 -2.19 11.75
C PHE B 706 -21.33 -3.61 11.61
N PHE B 707 -20.86 -4.21 12.69
CA PHE B 707 -20.29 -5.56 12.67
C PHE B 707 -21.18 -6.48 13.49
N LYS B 708 -21.85 -7.41 12.81
CA LYS B 708 -22.76 -8.32 13.50
C LYS B 708 -22.03 -9.27 14.44
N SER B 709 -20.78 -9.60 14.14
CA SER B 709 -20.05 -10.57 14.95
C SER B 709 -18.56 -10.46 14.64
N ILE B 710 -17.75 -11.05 15.52
CA ILE B 710 -16.30 -11.06 15.31
C ILE B 710 -15.93 -11.70 13.97
N PRO B 711 -16.44 -12.87 13.59
CA PRO B 711 -16.10 -13.40 12.27
C PRO B 711 -16.50 -12.47 11.14
N ASP B 712 -17.57 -11.70 11.31
CA ASP B 712 -17.98 -10.75 10.27
C ASP B 712 -16.90 -9.69 10.05
N ALA B 713 -16.15 -9.36 11.09
CA ALA B 713 -15.11 -8.35 11.00
C ALA B 713 -13.80 -8.86 10.45
N PHE B 714 -13.70 -10.17 10.16
CA PHE B 714 -12.44 -10.71 9.67
C PHE B 714 -12.05 -10.09 8.34
N TRP B 715 -13.04 -9.86 7.47
CA TRP B 715 -12.73 -9.28 6.17
C TRP B 715 -12.25 -7.84 6.31
N TRP B 716 -12.87 -7.07 7.21
CA TRP B 716 -12.43 -5.70 7.42
C TRP B 716 -11.03 -5.68 8.01
N ALA B 717 -10.74 -6.58 8.95
CA ALA B 717 -9.40 -6.63 9.51
C ALA B 717 -8.37 -7.03 8.46
N VAL B 718 -8.75 -7.91 7.53
CA VAL B 718 -7.78 -8.32 6.51
C VAL B 718 -7.51 -7.18 5.54
N VAL B 719 -8.56 -6.53 5.06
CA VAL B 719 -8.36 -5.45 4.10
C VAL B 719 -7.68 -4.24 4.74
N THR B 720 -7.83 -4.05 6.05
CA THR B 720 -7.15 -2.94 6.69
C THR B 720 -5.71 -3.26 7.02
N MET B 721 -5.42 -4.49 7.46
CA MET B 721 -4.06 -4.87 7.81
C MET B 721 -3.15 -4.85 6.58
N THR B 722 -3.68 -5.18 5.41
CA THR B 722 -2.92 -5.18 4.17
C THR B 722 -2.95 -3.84 3.45
N THR B 723 -3.62 -2.83 4.00
CA THR B 723 -3.79 -1.53 3.37
C THR B 723 -4.49 -1.62 2.03
N VAL B 724 -5.38 -2.60 1.87
CA VAL B 724 -6.19 -2.67 0.65
C VAL B 724 -7.35 -1.70 0.74
N GLY B 725 -8.01 -1.62 1.89
CA GLY B 725 -9.11 -0.72 2.07
C GLY B 725 -10.47 -1.38 2.08
N TYR B 726 -11.26 -1.11 3.11
CA TYR B 726 -12.60 -1.68 3.22
C TYR B 726 -13.64 -0.93 2.40
N GLY B 727 -13.30 0.24 1.89
CA GLY B 727 -14.27 1.05 1.17
C GLY B 727 -15.02 1.96 2.12
N ASP B 728 -16.35 1.91 2.07
CA ASP B 728 -17.16 2.75 2.93
C ASP B 728 -16.94 2.36 4.40
N MET B 729 -16.88 3.37 5.27
CA MET B 729 -16.52 3.11 6.65
C MET B 729 -17.24 4.05 7.62
N THR B 730 -18.16 4.88 7.13
CA THR B 730 -18.81 5.89 7.97
C THR B 730 -19.57 5.33 9.17
N PRO B 731 -20.44 4.31 9.04
CA PRO B 731 -21.29 3.95 10.18
C PRO B 731 -20.52 3.30 11.32
N VAL B 732 -19.54 4.01 11.85
CA VAL B 732 -18.62 3.48 12.85
C VAL B 732 -18.29 4.58 13.86
N GLY B 733 -18.18 4.21 15.13
CA GLY B 733 -17.92 5.16 16.19
C GLY B 733 -16.46 5.50 16.30
N VAL B 734 -16.16 6.36 17.27
CA VAL B 734 -14.79 6.82 17.46
C VAL B 734 -13.88 5.67 17.84
N TRP B 735 -14.37 4.76 18.69
CA TRP B 735 -13.53 3.64 19.12
C TRP B 735 -13.20 2.72 17.97
N GLY B 736 -14.13 2.55 17.03
CA GLY B 736 -13.86 1.71 15.88
C GLY B 736 -12.84 2.34 14.96
N LYS B 737 -12.88 3.66 14.81
CA LYS B 737 -11.85 4.34 14.02
C LYS B 737 -10.49 4.28 14.69
N ILE B 738 -10.45 4.32 16.03
CA ILE B 738 -9.17 4.19 16.72
C ILE B 738 -8.61 2.79 16.52
N VAL B 739 -9.46 1.78 16.66
CA VAL B 739 -9.02 0.41 16.43
C VAL B 739 -8.59 0.22 14.98
N GLY B 740 -9.25 0.92 14.05
CA GLY B 740 -8.86 0.79 12.65
C GLY B 740 -7.53 1.44 12.35
N SER B 741 -7.24 2.56 13.02
CA SER B 741 -5.92 3.18 12.86
C SER B 741 -4.84 2.27 13.41
N LEU B 742 -5.06 1.70 14.59
CA LEU B 742 -4.10 0.76 15.14
C LEU B 742 -3.96 -0.46 14.25
N CYS B 743 -5.06 -0.89 13.63
CA CYS B 743 -5.03 -2.05 12.75
C CYS B 743 -4.22 -1.76 11.50
N ALA B 744 -4.35 -0.57 10.94
CA ALA B 744 -3.58 -0.23 9.75
C ALA B 744 -2.09 -0.17 10.07
N ILE B 745 -1.72 0.44 11.20
CA ILE B 745 -0.31 0.54 11.53
C ILE B 745 0.27 -0.84 11.84
N ALA B 746 -0.47 -1.65 12.60
CA ALA B 746 0.02 -2.97 12.93
C ALA B 746 0.10 -3.87 11.71
N GLY B 747 -0.80 -3.70 10.74
CA GLY B 747 -0.69 -4.49 9.54
C GLY B 747 0.50 -4.07 8.70
N VAL B 748 0.78 -2.76 8.66
CA VAL B 748 2.00 -2.28 8.04
C VAL B 748 3.22 -2.97 8.63
N LEU B 749 3.31 -2.99 9.96
CA LEU B 749 4.47 -3.59 10.59
C LEU B 749 4.52 -5.10 10.37
N THR B 750 3.39 -5.79 10.57
CA THR B 750 3.38 -7.25 10.49
C THR B 750 3.66 -7.75 9.09
N ILE B 751 3.23 -7.04 8.04
CA ILE B 751 3.60 -7.45 6.70
C ILE B 751 4.96 -6.90 6.29
N ALA B 752 5.53 -5.99 7.08
CA ALA B 752 6.85 -5.46 6.76
C ALA B 752 8.01 -6.32 7.28
N LEU B 753 7.74 -7.37 8.05
CA LEU B 753 8.85 -8.07 8.69
C LEU B 753 9.28 -9.39 8.07
N PRO B 754 8.39 -10.38 7.90
CA PRO B 754 8.84 -11.62 7.23
C PRO B 754 9.22 -11.42 5.76
N VAL B 755 8.59 -10.47 5.07
CA VAL B 755 8.75 -10.37 3.62
C VAL B 755 10.21 -10.20 3.21
N PRO B 756 11.03 -9.34 3.83
CA PRO B 756 12.40 -9.17 3.35
C PRO B 756 13.22 -10.45 3.30
N VAL B 757 13.01 -11.41 4.20
CA VAL B 757 13.72 -12.68 4.08
C VAL B 757 13.34 -13.38 2.78
N ILE B 758 12.06 -13.31 2.40
CA ILE B 758 11.63 -13.91 1.16
C ILE B 758 12.25 -13.17 -0.02
N VAL B 759 12.35 -11.85 0.09
CA VAL B 759 12.96 -11.08 -1.00
C VAL B 759 14.43 -11.44 -1.14
N SER B 760 15.12 -11.67 -0.01
CA SER B 760 16.51 -12.06 -0.08
C SER B 760 16.67 -13.44 -0.71
N ASN B 761 15.76 -14.36 -0.38
CA ASN B 761 15.83 -15.67 -1.01
C ASN B 761 15.62 -15.58 -2.51
N PHE B 762 14.65 -14.77 -2.94
CA PHE B 762 14.40 -14.63 -4.37
C PHE B 762 15.58 -13.96 -5.07
N ASN B 763 16.18 -12.94 -4.45
CA ASN B 763 17.31 -12.27 -5.08
C ASN B 763 18.50 -13.21 -5.17
N TYR B 764 18.69 -14.07 -4.17
CA TYR B 764 19.81 -15.00 -4.22
C TYR B 764 19.61 -16.02 -5.33
N PHE B 765 18.40 -16.60 -5.42
CA PHE B 765 18.16 -17.56 -6.50
C PHE B 765 18.23 -16.90 -7.87
N TYR B 766 17.81 -15.64 -7.97
CA TYR B 766 17.87 -14.95 -9.25
C TYR B 766 19.31 -14.68 -9.67
N HIS B 767 20.16 -14.26 -8.74
CA HIS B 767 21.57 -14.09 -9.06
C HIS B 767 22.24 -15.43 -9.35
N ARG B 768 21.79 -16.51 -8.69
CA ARG B 768 22.31 -17.82 -9.00
C ARG B 768 21.92 -18.26 -10.41
N GLU B 769 20.78 -17.80 -10.89
CA GLU B 769 20.34 -18.20 -12.24
C GLU B 769 21.28 -17.69 -13.31
N THR B 770 21.96 -16.57 -13.06
CA THR B 770 22.87 -16.00 -14.05
C THR B 770 24.29 -15.87 -13.47
N LEU C 497 20.35 34.75 31.91
CA LEU C 497 19.71 33.49 32.25
C LEU C 497 20.18 32.35 31.34
N PHE C 498 19.53 32.22 30.19
CA PHE C 498 19.79 31.13 29.24
C PHE C 498 19.68 29.78 29.93
N GLU C 499 18.75 29.67 30.89
CA GLU C 499 18.50 28.41 31.58
C GLU C 499 17.86 27.38 30.67
N TYR C 500 17.18 27.82 29.61
CA TYR C 500 16.44 26.89 28.75
C TYR C 500 17.32 25.84 28.08
N PRO C 501 18.46 26.18 27.40
CA PRO C 501 19.17 25.20 26.56
C PRO C 501 20.26 24.40 27.27
N GLU C 502 19.93 23.82 28.43
CA GLU C 502 20.79 22.82 29.07
C GLU C 502 19.90 21.70 29.59
N SER C 503 20.54 20.76 30.30
CA SER C 503 19.85 19.64 30.92
C SER C 503 19.97 19.71 32.44
N SER C 504 19.94 20.92 32.98
CA SER C 504 19.98 21.12 34.42
C SER C 504 18.69 20.62 35.06
N GLN C 505 18.77 20.30 36.35
CA GLN C 505 17.62 19.74 37.05
C GLN C 505 16.44 20.70 37.03
N ALA C 506 16.70 22.01 37.08
CA ALA C 506 15.63 22.96 36.84
C ALA C 506 15.22 22.99 35.37
N ALA C 507 16.15 22.70 34.46
CA ALA C 507 15.85 22.81 33.04
C ALA C 507 14.84 21.77 32.57
N ARG C 508 14.82 20.57 33.15
CA ARG C 508 13.82 19.59 32.72
C ARG C 508 12.42 20.02 33.10
N VAL C 509 12.29 20.81 34.18
CA VAL C 509 10.98 21.36 34.54
C VAL C 509 10.48 22.29 33.46
N VAL C 510 11.34 23.21 33.01
CA VAL C 510 10.92 24.12 31.95
C VAL C 510 10.65 23.38 30.66
N ALA C 511 11.39 22.30 30.39
CA ALA C 511 11.16 21.53 29.18
C ALA C 511 9.81 20.84 29.21
N ILE C 512 9.49 20.19 30.35
CA ILE C 512 8.20 19.53 30.42
C ILE C 512 7.07 20.54 30.42
N ILE C 513 7.29 21.74 30.96
CA ILE C 513 6.25 22.76 30.91
C ILE C 513 6.03 23.21 29.47
N SER C 514 7.10 23.42 28.72
CA SER C 514 6.95 23.84 27.33
C SER C 514 6.27 22.76 26.50
N VAL C 515 6.60 21.49 26.76
CA VAL C 515 5.96 20.42 26.00
C VAL C 515 4.49 20.33 26.33
N PHE C 516 4.14 20.45 27.61
CA PHE C 516 2.73 20.39 27.97
C PHE C 516 1.97 21.58 27.41
N VAL C 517 2.59 22.76 27.37
CA VAL C 517 1.90 23.92 26.82
C VAL C 517 1.70 23.77 25.32
N ILE C 518 2.67 23.20 24.61
CA ILE C 518 2.50 23.01 23.17
C ILE C 518 1.40 22.00 22.90
N LEU C 519 1.36 20.91 23.67
CA LEU C 519 0.31 19.93 23.48
C LEU C 519 -1.05 20.50 23.83
N LEU C 520 -1.12 21.33 24.88
CA LEU C 520 -2.38 21.95 25.24
C LEU C 520 -2.84 22.95 24.17
N SER C 521 -1.90 23.62 23.52
CA SER C 521 -2.28 24.53 22.45
C SER C 521 -2.83 23.76 21.25
N ILE C 522 -2.20 22.64 20.90
CA ILE C 522 -2.71 21.83 19.80
C ILE C 522 -4.10 21.30 20.15
N VAL C 523 -4.32 20.92 21.41
CA VAL C 523 -5.63 20.43 21.83
C VAL C 523 -6.66 21.54 21.77
N ILE C 524 -6.29 22.75 22.19
CA ILE C 524 -7.23 23.86 22.15
C ILE C 524 -7.60 24.18 20.70
N PHE C 525 -6.64 24.05 19.79
CA PHE C 525 -6.92 24.21 18.37
C PHE C 525 -7.97 23.20 17.91
N CYS C 526 -7.68 21.92 18.10
CA CYS C 526 -8.53 20.86 17.57
C CYS C 526 -9.91 20.84 18.22
N LEU C 527 -10.04 21.31 19.46
CA LEU C 527 -11.37 21.36 20.05
C LEU C 527 -12.09 22.67 19.76
N GLU C 528 -11.36 23.78 19.58
CA GLU C 528 -12.05 25.01 19.23
C GLU C 528 -12.64 24.94 17.84
N THR C 529 -12.13 24.06 16.98
CA THR C 529 -12.81 23.89 15.70
C THR C 529 -14.09 23.09 15.78
N LEU C 530 -14.38 22.45 16.91
CA LEU C 530 -15.51 21.53 17.00
C LEU C 530 -16.84 22.25 16.87
N PRO C 531 -17.84 21.62 16.24
CA PRO C 531 -19.17 22.23 16.14
C PRO C 531 -19.82 22.56 17.47
N GLU C 532 -19.57 21.76 18.52
CA GLU C 532 -20.22 22.02 19.81
C GLU C 532 -19.81 23.36 20.39
N PHE C 533 -18.64 23.89 20.03
CA PHE C 533 -18.21 25.17 20.52
C PHE C 533 -18.07 26.18 19.39
N ASP C 558 -14.91 31.89 24.12
CA ASP C 558 -14.22 32.68 25.13
C ASP C 558 -13.31 31.83 26.05
N PRO C 559 -13.84 30.77 26.67
CA PRO C 559 -12.96 29.96 27.53
C PRO C 559 -11.79 29.36 26.78
N PHE C 560 -11.98 28.98 25.51
CA PHE C 560 -10.85 28.54 24.70
C PHE C 560 -9.89 29.69 24.43
N PHE C 561 -10.42 30.90 24.27
CA PHE C 561 -9.55 32.03 23.99
C PHE C 561 -8.65 32.37 25.16
N LEU C 562 -9.10 32.10 26.39
CA LEU C 562 -8.24 32.36 27.54
C LEU C 562 -7.05 31.39 27.56
N ILE C 563 -7.30 30.12 27.27
CA ILE C 563 -6.19 29.17 27.21
C ILE C 563 -5.29 29.48 26.03
N GLU C 564 -5.84 29.98 24.93
CA GLU C 564 -5.01 30.39 23.81
C GLU C 564 -4.14 31.59 24.16
N THR C 565 -4.70 32.55 24.90
CA THR C 565 -3.92 33.70 25.33
C THR C 565 -2.82 33.28 26.29
N LEU C 566 -3.10 32.30 27.15
CA LEU C 566 -2.06 31.83 28.06
C LEU C 566 -0.96 31.12 27.30
N CYS C 567 -1.31 30.28 26.33
CA CYS C 567 -0.29 29.61 25.54
C CYS C 567 0.53 30.60 24.73
N ILE C 568 -0.09 31.64 24.20
CA ILE C 568 0.66 32.63 23.44
C ILE C 568 1.54 33.47 24.35
N ILE C 569 1.09 33.77 25.57
CA ILE C 569 1.95 34.50 26.51
C ILE C 569 3.16 33.65 26.87
N TRP C 570 2.96 32.35 27.07
CA TRP C 570 4.10 31.49 27.36
C TRP C 570 5.04 31.39 26.16
N PHE C 571 4.48 31.34 24.95
CA PHE C 571 5.32 31.25 23.77
C PHE C 571 6.14 32.51 23.58
N THR C 572 5.52 33.67 23.75
CA THR C 572 6.25 34.93 23.60
C THR C 572 7.26 35.12 24.72
N PHE C 573 6.99 34.58 25.92
CA PHE C 573 7.98 34.68 26.98
C PHE C 573 9.18 33.80 26.70
N GLU C 574 8.93 32.58 26.21
CA GLU C 574 10.03 31.71 25.81
C GLU C 574 10.83 32.32 24.68
N LEU C 575 10.17 33.01 23.76
CA LEU C 575 10.88 33.60 22.63
C LEU C 575 11.69 34.81 23.07
N THR C 576 11.11 35.67 23.92
CA THR C 576 11.86 36.84 24.38
C THR C 576 13.00 36.45 25.31
N VAL C 577 12.91 35.29 25.97
CA VAL C 577 14.05 34.81 26.75
C VAL C 577 15.11 34.22 25.83
N ARG C 578 14.69 33.47 24.80
CA ARG C 578 15.65 32.89 23.88
C ARG C 578 16.39 33.96 23.08
N PHE C 579 15.77 35.12 22.87
CA PHE C 579 16.41 36.20 22.12
C PHE C 579 16.87 37.31 23.04
N ASP C 591 18.48 30.89 13.10
CA ASP C 591 18.31 29.62 12.39
C ASP C 591 16.85 29.44 11.98
N VAL C 592 16.43 28.18 11.85
CA VAL C 592 15.06 27.85 11.49
C VAL C 592 14.17 27.68 12.72
N MET C 593 14.75 27.22 13.83
CA MET C 593 13.97 26.99 15.03
C MET C 593 13.38 28.30 15.56
N ASN C 594 14.14 29.39 15.50
CA ASN C 594 13.60 30.68 15.89
C ASN C 594 12.53 31.14 14.91
N VAL C 595 12.64 30.77 13.63
CA VAL C 595 11.59 31.12 12.68
C VAL C 595 10.31 30.38 13.02
N ILE C 596 10.41 29.13 13.45
CA ILE C 596 9.23 28.39 13.85
C ILE C 596 8.62 29.01 15.11
N ASP C 597 9.47 29.46 16.04
CA ASP C 597 8.95 30.12 17.23
C ASP C 597 8.28 31.44 16.89
N ILE C 598 8.74 32.13 15.84
CA ILE C 598 8.08 33.36 15.42
C ILE C 598 6.73 33.04 14.79
N ILE C 599 6.71 32.05 13.90
CA ILE C 599 5.49 31.70 13.17
C ILE C 599 4.44 31.16 14.12
N ALA C 600 4.84 30.54 15.22
CA ALA C 600 3.86 30.03 16.17
C ALA C 600 3.05 31.15 16.81
N ILE C 601 3.65 32.33 16.99
CA ILE C 601 2.96 33.42 17.68
C ILE C 601 2.42 34.49 16.72
N ILE C 602 2.90 34.54 15.48
CA ILE C 602 2.43 35.58 14.56
C ILE C 602 0.92 35.58 14.36
N PRO C 603 0.26 34.44 14.08
CA PRO C 603 -1.18 34.49 13.81
C PRO C 603 -2.01 35.06 14.96
N TYR C 604 -1.62 34.81 16.21
CA TYR C 604 -2.41 35.34 17.31
C TYR C 604 -2.39 36.86 17.33
N PHE C 605 -1.25 37.45 16.97
CA PHE C 605 -1.16 38.90 16.95
C PHE C 605 -1.68 39.49 15.64
N ILE C 606 -1.83 38.67 14.59
CA ILE C 606 -2.43 39.17 13.36
C ILE C 606 -3.92 39.46 13.59
N THR C 607 -4.60 38.59 14.32
CA THR C 607 -6.02 38.80 14.59
C THR C 607 -6.24 39.98 15.53
N LEU C 608 -5.26 40.30 16.37
CA LEU C 608 -5.40 41.38 17.32
C LEU C 608 -4.75 42.66 16.81
N SER C 638 -9.94 39.76 2.05
CA SER C 638 -10.99 38.76 1.89
C SER C 638 -10.97 37.76 3.04
N LEU C 639 -11.99 36.91 3.11
CA LEU C 639 -12.06 35.89 4.15
C LEU C 639 -10.98 34.83 3.94
N ALA C 640 -10.48 34.68 2.72
CA ALA C 640 -9.50 33.64 2.45
C ALA C 640 -8.21 33.86 3.23
N ILE C 641 -7.79 35.11 3.42
CA ILE C 641 -6.59 35.32 4.23
C ILE C 641 -6.86 34.96 5.69
N LEU C 642 -8.10 35.14 6.16
CA LEU C 642 -8.42 34.70 7.51
C LEU C 642 -8.35 33.18 7.62
N ARG C 643 -8.83 32.47 6.60
CA ARG C 643 -8.70 31.02 6.62
C ARG C 643 -7.23 30.60 6.55
N VAL C 644 -6.42 31.34 5.82
CA VAL C 644 -5.00 30.99 5.72
C VAL C 644 -4.28 31.21 7.04
N ILE C 645 -4.63 32.28 7.77
CA ILE C 645 -3.97 32.49 9.06
C ILE C 645 -4.47 31.47 10.08
N ARG C 646 -5.76 31.13 10.04
CA ARG C 646 -6.25 30.08 10.93
C ARG C 646 -5.60 28.75 10.62
N LEU C 647 -5.24 28.51 9.36
CA LEU C 647 -4.54 27.28 9.02
C LEU C 647 -3.08 27.34 9.46
N VAL C 648 -2.41 28.47 9.26
CA VAL C 648 -0.99 28.58 9.60
C VAL C 648 -0.80 28.62 11.11
N ARG C 649 -1.89 28.78 11.87
CA ARG C 649 -1.81 28.61 13.30
C ARG C 649 -1.37 27.21 13.70
N VAL C 650 -1.53 26.22 12.81
CA VAL C 650 -1.19 24.84 13.15
C VAL C 650 0.29 24.67 13.39
N PHE C 651 1.11 25.62 12.92
CA PHE C 651 2.56 25.46 12.96
C PHE C 651 3.11 25.39 14.38
N ARG C 652 2.26 25.56 15.39
CA ARG C 652 2.69 25.35 16.77
C ARG C 652 3.16 23.93 16.99
N ILE C 653 2.65 22.98 16.19
CA ILE C 653 3.04 21.58 16.35
C ILE C 653 4.52 21.39 16.09
N PHE C 654 5.13 22.27 15.31
CA PHE C 654 6.55 22.14 15.01
C PHE C 654 7.45 22.67 16.11
N LYS C 655 6.88 23.34 17.13
CA LYS C 655 7.67 23.71 18.29
C LYS C 655 8.17 22.51 19.06
N LEU C 656 7.51 21.35 18.90
CA LEU C 656 7.97 20.14 19.56
C LEU C 656 9.35 19.71 19.09
N SER C 657 9.78 20.16 17.92
CA SER C 657 11.08 19.74 17.40
C SER C 657 12.23 20.18 18.32
N ARG C 658 12.04 21.26 19.08
CA ARG C 658 13.07 21.68 20.01
C ARG C 658 13.30 20.64 21.10
N HIS C 659 12.26 19.90 21.48
CA HIS C 659 12.38 18.90 22.53
C HIS C 659 12.53 17.49 22.00
N SER C 660 12.07 17.22 20.78
CA SER C 660 12.11 15.87 20.22
C SER C 660 13.42 15.71 19.43
N LYS C 661 14.33 14.90 19.96
CA LYS C 661 15.57 14.63 19.25
C LYS C 661 15.33 13.88 17.95
N GLY C 662 14.25 13.10 17.86
CA GLY C 662 13.95 12.41 16.63
C GLY C 662 13.40 13.31 15.54
N LEU C 663 12.63 14.34 15.91
CA LEU C 663 12.09 15.25 14.90
C LEU C 663 13.20 16.04 14.22
N GLN C 664 14.25 16.40 14.96
CA GLN C 664 15.38 17.07 14.35
C GLN C 664 16.10 16.15 13.37
N ILE C 665 16.11 14.84 13.65
CA ILE C 665 16.68 13.90 12.70
C ILE C 665 15.85 13.89 11.42
N LEU C 666 14.53 14.01 11.55
CA LEU C 666 13.70 14.09 10.36
C LEU C 666 13.96 15.36 9.58
N GLY C 667 14.18 16.47 10.29
CA GLY C 667 14.44 17.72 9.59
C GLY C 667 15.79 17.72 8.88
N ARG C 668 16.79 17.11 9.50
CA ARG C 668 18.08 16.95 8.82
C ARG C 668 17.98 15.99 7.66
N THR C 669 17.16 14.94 7.78
CA THR C 669 16.96 14.04 6.65
C THR C 669 16.28 14.74 5.49
N LEU C 670 15.37 15.66 5.78
CA LEU C 670 14.71 16.39 4.70
C LEU C 670 15.65 17.40 4.07
N LYS C 671 16.41 18.13 4.89
CA LYS C 671 17.35 19.10 4.33
C LYS C 671 18.45 18.43 3.54
N ALA C 672 18.86 17.23 3.94
CA ALA C 672 19.95 16.54 3.27
C ALA C 672 19.52 15.77 2.04
N SER C 673 18.22 15.67 1.78
CA SER C 673 17.72 14.86 0.67
C SER C 673 16.68 15.63 -0.14
N MET C 674 16.91 16.92 -0.34
CA MET C 674 15.98 17.71 -1.15
C MET C 674 15.94 17.24 -2.60
N ARG C 675 17.08 16.76 -3.12
CA ARG C 675 17.15 16.43 -4.54
C ARG C 675 16.29 15.24 -4.88
N GLU C 676 16.40 14.15 -4.11
CA GLU C 676 15.56 12.98 -4.36
C GLU C 676 14.09 13.26 -4.03
N LEU C 677 13.81 14.15 -3.08
CA LEU C 677 12.42 14.53 -2.85
C LEU C 677 11.85 15.24 -4.07
N GLY C 678 12.63 16.12 -4.68
CA GLY C 678 12.17 16.77 -5.90
C GLY C 678 12.05 15.80 -7.05
N LEU C 679 12.95 14.82 -7.12
CA LEU C 679 12.86 13.80 -8.15
C LEU C 679 11.61 12.94 -7.97
N LEU C 680 11.22 12.68 -6.72
CA LEU C 680 10.02 11.91 -6.47
C LEU C 680 8.77 12.70 -6.85
N ILE C 681 8.73 13.99 -6.49
CA ILE C 681 7.60 14.81 -6.90
C ILE C 681 7.55 14.94 -8.42
N PHE C 682 8.71 14.96 -9.07
CA PHE C 682 8.76 15.03 -10.52
C PHE C 682 8.20 13.76 -11.15
N PHE C 683 8.58 12.60 -10.62
CA PHE C 683 8.06 11.35 -11.17
C PHE C 683 6.56 11.25 -10.95
N LEU C 684 6.07 11.72 -9.80
CA LEU C 684 4.63 11.71 -9.58
C LEU C 684 3.90 12.65 -10.52
N PHE C 685 4.47 13.82 -10.79
CA PHE C 685 3.82 14.73 -11.72
C PHE C 685 3.77 14.15 -13.13
N ILE C 686 4.85 13.50 -13.55
CA ILE C 686 4.89 12.93 -14.90
C ILE C 686 3.89 11.80 -15.01
N GLY C 687 3.87 10.90 -14.02
CA GLY C 687 2.95 9.79 -14.07
C GLY C 687 1.50 10.22 -13.97
N VAL C 688 1.23 11.25 -13.16
CA VAL C 688 -0.13 11.74 -13.02
C VAL C 688 -0.61 12.32 -14.33
N VAL C 689 0.21 13.16 -14.97
CA VAL C 689 -0.22 13.75 -16.24
C VAL C 689 -0.44 12.68 -17.29
N LEU C 690 0.49 11.72 -17.38
CA LEU C 690 0.40 10.70 -18.42
C LEU C 690 -0.82 9.83 -18.23
N PHE C 691 -0.98 9.24 -17.05
CA PHE C 691 -2.10 8.34 -16.82
C PHE C 691 -3.43 9.07 -16.80
N SER C 692 -3.46 10.34 -16.40
CA SER C 692 -4.70 11.09 -16.43
C SER C 692 -5.15 11.31 -17.87
N SER C 693 -4.25 11.77 -18.73
CA SER C 693 -4.63 11.95 -20.13
C SER C 693 -5.01 10.61 -20.77
N ALA C 694 -4.32 9.53 -20.38
CA ALA C 694 -4.62 8.23 -20.97
C ALA C 694 -6.01 7.75 -20.57
N VAL C 695 -6.33 7.80 -19.28
CA VAL C 695 -7.65 7.33 -18.84
C VAL C 695 -8.74 8.24 -19.38
N TYR C 696 -8.48 9.53 -19.51
CA TYR C 696 -9.51 10.42 -20.03
C TYR C 696 -9.81 10.11 -21.49
N PHE C 697 -8.78 9.99 -22.32
CA PHE C 697 -9.02 9.68 -23.71
C PHE C 697 -9.55 8.27 -23.90
N ALA C 698 -9.23 7.34 -22.99
CA ALA C 698 -9.84 6.02 -23.06
C ALA C 698 -11.34 6.08 -22.74
N GLU C 699 -11.73 6.97 -21.83
CA GLU C 699 -13.14 7.09 -21.47
C GLU C 699 -13.91 8.09 -22.33
N ALA C 700 -13.24 8.80 -23.24
CA ALA C 700 -13.90 9.87 -23.96
C ALA C 700 -15.04 9.35 -24.84
N GLY C 701 -14.91 8.12 -25.36
CA GLY C 701 -15.91 7.62 -26.28
C GLY C 701 -17.21 7.16 -25.65
N SER C 702 -17.18 6.81 -24.37
CA SER C 702 -18.39 6.35 -23.70
C SER C 702 -19.35 7.51 -23.45
N GLU C 703 -20.65 7.24 -23.56
CA GLU C 703 -21.65 8.21 -23.15
C GLU C 703 -21.61 8.41 -21.64
N ASN C 704 -21.85 9.64 -21.22
CA ASN C 704 -21.77 10.02 -19.81
C ASN C 704 -20.41 9.64 -19.23
N SER C 705 -19.38 10.33 -19.73
CA SER C 705 -18.01 9.99 -19.38
C SER C 705 -17.76 10.20 -17.89
N PHE C 706 -17.04 9.25 -17.29
CA PHE C 706 -16.73 9.33 -15.88
C PHE C 706 -15.79 10.50 -15.57
N PHE C 707 -14.97 10.91 -16.53
CA PHE C 707 -13.97 11.96 -16.34
C PHE C 707 -14.29 13.10 -17.31
N LYS C 708 -14.74 14.22 -16.76
CA LYS C 708 -15.11 15.36 -17.61
C LYS C 708 -13.91 15.95 -18.33
N SER C 709 -12.71 15.83 -17.76
CA SER C 709 -11.52 16.41 -18.35
C SER C 709 -10.28 15.77 -17.75
N ILE C 710 -9.15 16.00 -18.41
CA ILE C 710 -7.87 15.51 -17.89
C ILE C 710 -7.60 16.00 -16.48
N PRO C 711 -7.77 17.29 -16.15
CA PRO C 711 -7.59 17.70 -14.75
C PRO C 711 -8.52 16.99 -13.79
N ASP C 712 -9.73 16.65 -14.25
CA ASP C 712 -10.65 15.90 -13.40
C ASP C 712 -10.10 14.54 -13.01
N ALA C 713 -9.25 13.97 -13.86
CA ALA C 713 -8.64 12.67 -13.60
C ALA C 713 -7.40 12.74 -12.74
N PHE C 714 -6.95 13.95 -12.37
CA PHE C 714 -5.72 14.06 -11.60
C PHE C 714 -5.86 13.38 -10.24
N TRP C 715 -7.00 13.53 -9.59
CA TRP C 715 -7.19 12.93 -8.28
C TRP C 715 -7.20 11.42 -8.37
N TRP C 716 -7.82 10.88 -9.42
CA TRP C 716 -7.82 9.43 -9.61
C TRP C 716 -6.43 8.91 -9.88
N ALA C 717 -5.67 9.63 -10.71
CA ALA C 717 -4.30 9.20 -10.99
C ALA C 717 -3.43 9.27 -9.74
N VAL C 718 -3.67 10.24 -8.87
CA VAL C 718 -2.87 10.35 -7.65
C VAL C 718 -3.21 9.22 -6.68
N VAL C 719 -4.50 8.97 -6.47
CA VAL C 719 -4.87 7.93 -5.52
C VAL C 719 -4.51 6.55 -6.04
N THR C 720 -4.47 6.37 -7.37
CA THR C 720 -4.09 5.07 -7.89
C THR C 720 -2.58 4.88 -7.89
N MET C 721 -1.82 5.93 -8.24
CA MET C 721 -0.36 5.80 -8.29
C MET C 721 0.20 5.53 -6.90
N THR C 722 -0.42 6.10 -5.87
CA THR C 722 -0.03 5.84 -4.49
C THR C 722 -0.74 4.65 -3.88
N THR C 723 -1.61 4.00 -4.64
CA THR C 723 -2.39 2.85 -4.17
C THR C 723 -3.22 3.19 -2.93
N VAL C 724 -3.78 4.40 -2.90
CA VAL C 724 -4.71 4.74 -1.84
C VAL C 724 -6.10 4.20 -2.16
N GLY C 725 -6.53 4.35 -3.41
CA GLY C 725 -7.83 3.84 -3.80
C GLY C 725 -8.84 4.92 -4.09
N TYR C 726 -9.29 5.00 -5.35
CA TYR C 726 -10.28 6.00 -5.73
C TYR C 726 -11.65 5.74 -5.12
N GLY C 727 -11.94 4.50 -4.75
CA GLY C 727 -13.28 4.16 -4.29
C GLY C 727 -14.02 3.38 -5.36
N ASP C 728 -15.32 3.62 -5.51
CA ASP C 728 -16.07 2.97 -6.57
C ASP C 728 -15.54 3.40 -7.93
N MET C 729 -15.44 2.43 -8.84
CA MET C 729 -14.78 2.67 -10.11
C MET C 729 -15.55 2.03 -11.27
N THR C 730 -16.72 1.46 -11.00
CA THR C 730 -17.42 0.65 -12.00
C THR C 730 -17.75 1.40 -13.28
N PRO C 731 -18.31 2.63 -13.26
CA PRO C 731 -18.80 3.21 -14.52
C PRO C 731 -17.67 3.55 -15.49
N VAL C 732 -16.85 2.56 -15.83
CA VAL C 732 -15.68 2.77 -16.67
C VAL C 732 -15.52 1.55 -17.58
N GLY C 733 -15.04 1.79 -18.80
CA GLY C 733 -14.90 0.73 -19.78
C GLY C 733 -13.62 -0.06 -19.60
N VAL C 734 -13.41 -0.99 -20.53
CA VAL C 734 -12.26 -1.89 -20.44
C VAL C 734 -10.95 -1.12 -20.52
N TRP C 735 -10.89 -0.15 -21.44
CA TRP C 735 -9.63 0.58 -21.64
C TRP C 735 -9.27 1.40 -20.41
N GLY C 736 -10.26 1.93 -19.70
CA GLY C 736 -9.95 2.67 -18.49
C GLY C 736 -9.43 1.77 -17.40
N LYS C 737 -9.97 0.55 -17.29
CA LYS C 737 -9.45 -0.40 -16.32
C LYS C 737 -8.03 -0.85 -16.68
N ILE C 738 -7.73 -0.96 -17.96
CA ILE C 738 -6.37 -1.32 -18.37
C ILE C 738 -5.40 -0.21 -18.01
N VAL C 739 -5.80 1.04 -18.29
CA VAL C 739 -4.96 2.17 -17.93
C VAL C 739 -4.81 2.27 -16.42
N GLY C 740 -5.84 1.89 -15.67
CA GLY C 740 -5.74 1.92 -14.23
C GLY C 740 -4.79 0.88 -13.68
N SER C 741 -4.78 -0.31 -14.30
CA SER C 741 -3.83 -1.33 -13.89
C SER C 741 -2.40 -0.88 -14.17
N LEU C 742 -2.17 -0.32 -15.36
CA LEU C 742 -0.85 0.21 -15.66
C LEU C 742 -0.48 1.34 -14.72
N CYS C 743 -1.45 2.16 -14.33
CA CYS C 743 -1.19 3.26 -13.42
C CYS C 743 -0.80 2.75 -12.04
N ALA C 744 -1.45 1.69 -11.56
CA ALA C 744 -1.11 1.15 -10.25
C ALA C 744 0.30 0.57 -10.26
N ILE C 745 0.64 -0.19 -11.32
CA ILE C 745 1.97 -0.78 -11.38
C ILE C 745 3.04 0.31 -11.45
N ALA C 746 2.85 1.27 -12.37
CA ALA C 746 3.83 2.33 -12.53
C ALA C 746 3.94 3.19 -11.29
N GLY C 747 2.84 3.40 -10.57
CA GLY C 747 2.91 4.21 -9.37
C GLY C 747 3.64 3.51 -8.26
N VAL C 748 3.47 2.19 -8.14
CA VAL C 748 4.26 1.46 -7.15
C VAL C 748 5.74 1.54 -7.49
N LEU C 749 6.07 1.39 -8.76
CA LEU C 749 7.48 1.43 -9.15
C LEU C 749 8.07 2.82 -8.92
N THR C 750 7.37 3.86 -9.35
CA THR C 750 7.87 5.22 -9.20
C THR C 750 7.94 5.69 -7.76
N ILE C 751 7.07 5.18 -6.89
CA ILE C 751 7.17 5.54 -5.47
C ILE C 751 8.34 4.80 -4.84
N ALA C 752 8.52 3.52 -5.16
CA ALA C 752 9.58 2.76 -4.51
C ALA C 752 10.98 3.25 -4.88
N LEU C 753 11.15 3.80 -6.08
CA LEU C 753 12.50 4.07 -6.59
C LEU C 753 13.30 5.06 -5.74
N PRO C 754 12.79 6.24 -5.37
CA PRO C 754 13.64 7.20 -4.66
C PRO C 754 13.57 7.15 -3.15
N VAL C 755 12.66 6.37 -2.58
CA VAL C 755 12.60 6.24 -1.12
C VAL C 755 13.90 5.73 -0.51
N PRO C 756 14.54 4.67 -1.03
CA PRO C 756 15.64 4.05 -0.27
C PRO C 756 16.77 4.99 0.07
N VAL C 757 17.11 5.95 -0.80
CA VAL C 757 18.14 6.90 -0.41
C VAL C 757 17.68 7.78 0.73
N ILE C 758 16.38 8.11 0.78
CA ILE C 758 15.88 8.90 1.89
C ILE C 758 15.93 8.09 3.18
N VAL C 759 15.59 6.80 3.10
CA VAL C 759 15.66 5.95 4.27
C VAL C 759 17.10 5.81 4.75
N SER C 760 18.04 5.72 3.81
CA SER C 760 19.44 5.60 4.19
C SER C 760 19.93 6.88 4.85
N ASN C 761 19.48 8.04 4.36
CA ASN C 761 19.86 9.29 5.01
C ASN C 761 19.28 9.36 6.41
N PHE C 762 18.04 8.91 6.58
CA PHE C 762 17.42 8.95 7.90
C PHE C 762 18.13 8.05 8.87
N ASN C 763 18.48 6.83 8.44
CA ASN C 763 19.20 5.93 9.32
C ASN C 763 20.62 6.41 9.60
N TYR C 764 21.24 7.08 8.64
CA TYR C 764 22.55 7.68 8.90
C TYR C 764 22.46 8.72 10.00
N PHE C 765 21.50 9.63 9.88
CA PHE C 765 21.37 10.64 10.93
C PHE C 765 20.92 10.04 12.26
N TYR C 766 20.09 9.00 12.21
CA TYR C 766 19.62 8.36 13.45
C TYR C 766 20.76 7.65 14.16
N HIS C 767 21.71 7.09 13.42
CA HIS C 767 22.83 6.42 14.06
C HIS C 767 23.92 7.41 14.46
N ARG C 768 24.08 8.50 13.70
CA ARG C 768 24.98 9.56 14.13
C ARG C 768 24.49 10.21 15.42
N GLU C 769 23.17 10.26 15.60
CA GLU C 769 22.61 10.73 16.87
C GLU C 769 22.66 9.68 17.96
N THR C 770 22.96 8.43 17.63
CA THR C 770 23.04 7.38 18.63
C THR C 770 24.39 7.36 19.32
N LEU D 497 8.17 -33.12 39.56
CA LEU D 497 8.05 -33.41 38.13
C LEU D 497 8.56 -32.23 37.31
N PHE D 498 7.65 -31.30 37.00
CA PHE D 498 7.99 -30.05 36.31
C PHE D 498 8.67 -30.31 34.97
N GLU D 499 8.19 -31.34 34.27
CA GLU D 499 8.71 -31.70 32.95
C GLU D 499 8.17 -30.84 31.82
N TYR D 500 7.15 -30.02 32.10
CA TYR D 500 6.47 -29.28 31.03
C TYR D 500 7.39 -28.39 30.20
N PRO D 501 8.26 -27.54 30.78
CA PRO D 501 9.08 -26.67 29.93
C PRO D 501 9.98 -27.41 28.95
N GLU D 502 10.49 -28.57 29.33
CA GLU D 502 11.31 -29.38 28.43
C GLU D 502 10.41 -30.13 27.45
N SER D 503 10.94 -30.37 26.25
CA SER D 503 10.19 -31.05 25.18
C SER D 503 10.75 -32.45 25.00
N SER D 504 10.23 -33.40 25.78
CA SER D 504 10.58 -34.81 25.68
C SER D 504 9.53 -35.55 24.85
N GLN D 505 9.75 -36.85 24.68
CA GLN D 505 8.79 -37.67 23.95
C GLN D 505 7.43 -37.71 24.64
N ALA D 506 7.42 -37.71 25.98
CA ALA D 506 6.17 -37.63 26.71
C ALA D 506 5.67 -36.20 26.90
N ALA D 507 6.53 -35.21 26.63
CA ALA D 507 6.14 -33.82 26.84
C ALA D 507 5.54 -33.20 25.59
N ARG D 508 5.98 -33.64 24.41
CA ARG D 508 5.49 -33.01 23.18
C ARG D 508 3.99 -33.23 22.98
N VAL D 509 3.46 -34.36 23.46
CA VAL D 509 2.02 -34.54 23.39
C VAL D 509 1.32 -33.53 24.29
N VAL D 510 1.93 -33.17 25.42
CA VAL D 510 1.34 -32.15 26.28
C VAL D 510 1.35 -30.79 25.59
N ALA D 511 2.41 -30.50 24.83
CA ALA D 511 2.45 -29.25 24.09
C ALA D 511 1.40 -29.23 22.99
N ILE D 512 1.19 -30.36 22.31
CA ILE D 512 0.15 -30.41 21.30
C ILE D 512 -1.22 -30.24 21.95
N ILE D 513 -1.41 -30.80 23.14
CA ILE D 513 -2.68 -30.65 23.83
C ILE D 513 -2.91 -29.19 24.21
N SER D 514 -1.86 -28.51 24.68
CA SER D 514 -2.02 -27.11 25.06
C SER D 514 -2.31 -26.23 23.85
N VAL D 515 -1.65 -26.49 22.72
CA VAL D 515 -1.90 -25.69 21.53
C VAL D 515 -3.30 -25.93 21.01
N PHE D 516 -3.77 -27.18 21.05
CA PHE D 516 -5.13 -27.46 20.61
C PHE D 516 -6.15 -26.83 21.54
N VAL D 517 -5.88 -26.81 22.84
CA VAL D 517 -6.81 -26.18 23.77
C VAL D 517 -6.86 -24.68 23.55
N ILE D 518 -5.72 -24.06 23.26
CA ILE D 518 -5.72 -22.63 23.01
C ILE D 518 -6.49 -22.29 21.74
N LEU D 519 -6.27 -23.07 20.68
CA LEU D 519 -7.01 -22.82 19.44
C LEU D 519 -8.49 -23.07 19.63
N LEU D 520 -8.84 -24.07 20.44
CA LEU D 520 -10.26 -24.33 20.71
C LEU D 520 -10.89 -23.19 21.49
N SER D 521 -10.15 -22.59 22.42
CA SER D 521 -10.68 -21.46 23.15
C SER D 521 -10.89 -20.26 22.24
N ILE D 522 -9.95 -20.01 21.33
CA ILE D 522 -10.13 -18.91 20.40
C ILE D 522 -11.33 -19.14 19.50
N VAL D 523 -11.51 -20.39 19.06
CA VAL D 523 -12.65 -20.72 18.20
C VAL D 523 -13.95 -20.57 18.97
N ILE D 524 -13.97 -20.98 20.23
CA ILE D 524 -15.19 -20.83 21.02
C ILE D 524 -15.52 -19.37 21.22
N PHE D 525 -14.50 -18.52 21.36
CA PHE D 525 -14.71 -17.08 21.45
C PHE D 525 -15.40 -16.55 20.18
N CYS D 526 -14.76 -16.76 19.04
CA CYS D 526 -15.26 -16.24 17.78
C CYS D 526 -16.60 -16.87 17.39
N LEU D 527 -16.90 -18.07 17.87
CA LEU D 527 -18.17 -18.70 17.54
C LEU D 527 -19.29 -18.25 18.47
N GLU D 528 -19.01 -18.08 19.77
CA GLU D 528 -20.05 -17.64 20.68
C GLU D 528 -20.45 -16.21 20.40
N THR D 529 -19.59 -15.42 19.76
CA THR D 529 -20.05 -14.08 19.39
C THR D 529 -21.07 -14.08 18.25
N LEU D 530 -21.23 -15.20 17.54
CA LEU D 530 -22.07 -15.23 16.35
C LEU D 530 -23.55 -15.03 16.68
N PRO D 531 -24.31 -14.38 15.79
CA PRO D 531 -25.75 -14.18 16.05
C PRO D 531 -26.55 -15.46 16.24
N GLU D 532 -26.17 -16.55 15.56
CA GLU D 532 -26.95 -17.78 15.65
C GLU D 532 -26.93 -18.35 17.06
N PHE D 533 -25.92 -18.02 17.86
CA PHE D 533 -25.83 -18.51 19.22
C PHE D 533 -26.00 -17.34 20.21
N ASP D 558 -24.99 -21.77 26.54
CA ASP D 558 -24.62 -22.72 27.58
C ASP D 558 -23.61 -23.78 27.10
N PRO D 559 -23.88 -24.46 25.97
CA PRO D 559 -22.90 -25.45 25.48
C PRO D 559 -21.52 -24.85 25.22
N PHE D 560 -21.46 -23.61 24.74
CA PHE D 560 -20.17 -22.94 24.61
C PHE D 560 -19.54 -22.68 25.98
N PHE D 561 -20.37 -22.42 26.98
CA PHE D 561 -19.85 -22.14 28.31
C PHE D 561 -19.16 -23.36 28.90
N LEU D 562 -19.63 -24.56 28.59
CA LEU D 562 -18.99 -25.77 29.10
C LEU D 562 -17.60 -25.93 28.52
N ILE D 563 -17.46 -25.71 27.21
CA ILE D 563 -16.14 -25.83 26.58
C ILE D 563 -15.22 -24.73 27.09
N GLU D 564 -15.75 -23.53 27.30
CA GLU D 564 -14.93 -22.46 27.84
C GLU D 564 -14.48 -22.77 29.26
N THR D 565 -15.35 -23.40 30.05
CA THR D 565 -14.97 -23.79 31.40
C THR D 565 -13.90 -24.87 31.38
N LEU D 566 -14.00 -25.82 30.45
CA LEU D 566 -12.97 -26.85 30.35
C LEU D 566 -11.63 -26.24 29.94
N CYS D 567 -11.67 -25.25 29.04
CA CYS D 567 -10.43 -24.61 28.62
C CYS D 567 -9.81 -23.83 29.77
N ILE D 568 -10.62 -23.11 30.54
CA ILE D 568 -10.06 -22.37 31.67
C ILE D 568 -9.57 -23.32 32.76
N ILE D 569 -10.20 -24.49 32.91
CA ILE D 569 -9.71 -25.46 33.88
C ILE D 569 -8.34 -25.98 33.46
N TRP D 570 -8.17 -26.28 32.17
CA TRP D 570 -6.85 -26.70 31.70
C TRP D 570 -5.83 -25.57 31.86
N PHE D 571 -6.27 -24.33 31.67
CA PHE D 571 -5.36 -23.19 31.81
C PHE D 571 -4.90 -23.05 33.25
N THR D 572 -5.84 -23.14 34.19
CA THR D 572 -5.50 -23.05 35.61
C THR D 572 -4.63 -24.23 36.03
N PHE D 573 -4.88 -25.41 35.47
CA PHE D 573 -4.06 -26.56 35.82
C PHE D 573 -2.63 -26.37 35.35
N GLU D 574 -2.44 -25.86 34.13
CA GLU D 574 -1.10 -25.60 33.64
C GLU D 574 -0.42 -24.51 34.46
N LEU D 575 -1.17 -23.48 34.85
CA LEU D 575 -0.58 -22.40 35.62
C LEU D 575 -0.16 -22.89 37.01
N THR D 576 -0.97 -23.74 37.63
CA THR D 576 -0.59 -24.33 38.91
C THR D 576 0.60 -25.27 38.76
N VAL D 577 0.72 -25.95 37.63
CA VAL D 577 1.91 -26.77 37.39
C VAL D 577 3.14 -25.88 37.30
N ARG D 578 2.99 -24.69 36.74
CA ARG D 578 4.09 -23.75 36.68
C ARG D 578 4.20 -22.87 37.91
N PHE D 579 3.27 -22.97 38.85
CA PHE D 579 3.33 -22.20 40.08
C PHE D 579 4.02 -23.00 41.19
N ASP D 591 7.87 -14.47 34.36
CA ASP D 591 8.09 -13.42 33.37
C ASP D 591 6.80 -12.96 32.71
N VAL D 592 6.92 -12.30 31.56
CA VAL D 592 5.74 -11.74 30.89
C VAL D 592 4.79 -12.84 30.44
N MET D 593 5.32 -14.01 30.09
CA MET D 593 4.45 -15.10 29.69
C MET D 593 3.57 -15.58 30.83
N ASN D 594 4.08 -15.55 32.07
CA ASN D 594 3.22 -15.84 33.20
C ASN D 594 2.13 -14.79 33.36
N VAL D 595 2.43 -13.53 33.07
CA VAL D 595 1.40 -12.50 33.11
C VAL D 595 0.34 -12.77 32.07
N ILE D 596 0.75 -13.27 30.90
CA ILE D 596 -0.23 -13.63 29.87
C ILE D 596 -1.07 -14.81 30.33
N ASP D 597 -0.44 -15.77 31.00
CA ASP D 597 -1.17 -16.93 31.51
C ASP D 597 -2.19 -16.52 32.56
N ILE D 598 -1.88 -15.50 33.35
CA ILE D 598 -2.82 -15.02 34.36
C ILE D 598 -3.94 -14.24 33.70
N ILE D 599 -3.61 -13.39 32.75
CA ILE D 599 -4.60 -12.55 32.07
C ILE D 599 -5.57 -13.40 31.29
N ALA D 600 -5.12 -14.55 30.78
CA ALA D 600 -6.03 -15.43 30.05
C ALA D 600 -7.13 -15.98 30.94
N ILE D 601 -6.87 -16.12 32.25
CA ILE D 601 -7.81 -16.76 33.15
C ILE D 601 -8.65 -15.72 33.89
N ILE D 602 -8.10 -14.50 34.04
CA ILE D 602 -8.76 -13.49 34.87
C ILE D 602 -10.20 -13.20 34.45
N PRO D 603 -10.52 -12.96 33.17
CA PRO D 603 -11.90 -12.56 32.82
C PRO D 603 -12.96 -13.56 33.23
N TYR D 604 -12.67 -14.87 33.19
CA TYR D 604 -13.68 -15.84 33.57
C TYR D 604 -14.03 -15.69 35.05
N PHE D 605 -13.00 -15.60 35.90
CA PHE D 605 -13.25 -15.47 37.33
C PHE D 605 -13.89 -14.13 37.66
N ILE D 606 -13.63 -13.08 36.87
CA ILE D 606 -14.33 -11.82 37.11
C ILE D 606 -15.83 -11.97 36.86
N THR D 607 -16.21 -12.81 35.89
CA THR D 607 -17.63 -12.94 35.54
C THR D 607 -18.45 -13.57 36.65
N LEU D 608 -17.84 -14.35 37.54
CA LEU D 608 -18.58 -15.00 38.60
C LEU D 608 -18.70 -14.09 39.82
N SER D 638 -20.13 0.30 34.99
CA SER D 638 -21.31 0.17 34.14
C SER D 638 -21.17 -1.02 33.19
N LEU D 639 -21.93 -1.00 32.10
CA LEU D 639 -21.80 -2.03 31.08
C LEU D 639 -20.46 -1.98 30.36
N ALA D 640 -19.82 -0.81 30.34
CA ALA D 640 -18.58 -0.66 29.60
C ALA D 640 -17.48 -1.55 30.16
N ILE D 641 -17.42 -1.70 31.49
CA ILE D 641 -16.39 -2.57 32.05
C ILE D 641 -16.67 -4.03 31.70
N LEU D 642 -17.95 -4.40 31.56
CA LEU D 642 -18.26 -5.76 31.15
C LEU D 642 -17.83 -5.99 29.71
N ARG D 643 -18.05 -5.01 28.83
CA ARG D 643 -17.56 -5.16 27.47
C ARG D 643 -16.03 -5.17 27.45
N VAL D 644 -15.39 -4.45 28.37
CA VAL D 644 -13.93 -4.45 28.41
C VAL D 644 -13.38 -5.81 28.83
N ILE D 645 -14.01 -6.45 29.82
CA ILE D 645 -13.54 -7.79 30.20
C ILE D 645 -13.84 -8.79 29.10
N ARG D 646 -14.98 -8.65 28.42
CA ARG D 646 -15.26 -9.54 27.30
C ARG D 646 -14.26 -9.34 26.18
N LEU D 647 -13.73 -8.12 26.04
CA LEU D 647 -12.69 -7.89 25.04
C LEU D 647 -11.34 -8.42 25.50
N VAL D 648 -11.00 -8.26 26.78
CA VAL D 648 -9.69 -8.69 27.26
C VAL D 648 -9.63 -10.21 27.35
N ARG D 649 -10.77 -10.89 27.20
CA ARG D 649 -10.73 -12.33 27.00
C ARG D 649 -9.90 -12.73 25.80
N VAL D 650 -9.73 -11.86 24.81
CA VAL D 650 -9.01 -12.23 23.59
C VAL D 650 -7.55 -12.56 23.87
N PHE D 651 -7.00 -12.06 24.98
CA PHE D 651 -5.57 -12.21 25.24
C PHE D 651 -5.14 -13.65 25.39
N ARG D 652 -6.07 -14.59 25.40
CA ARG D 652 -5.73 -16.01 25.34
C ARG D 652 -4.95 -16.35 24.08
N ILE D 653 -5.12 -15.58 23.01
CA ILE D 653 -4.38 -15.83 21.78
C ILE D 653 -2.88 -15.67 21.97
N PHE D 654 -2.46 -14.88 22.96
CA PHE D 654 -1.04 -14.65 23.18
C PHE D 654 -0.35 -15.79 23.90
N LYS D 655 -1.08 -16.79 24.38
CA LYS D 655 -0.42 -17.94 24.98
C LYS D 655 0.23 -18.83 23.93
N LEU D 656 -0.07 -18.63 22.66
CA LEU D 656 0.65 -19.34 21.61
C LEU D 656 2.12 -18.95 21.60
N SER D 657 2.46 -17.79 22.14
CA SER D 657 3.86 -17.38 22.22
C SER D 657 4.67 -18.32 23.09
N ARG D 658 4.03 -18.99 24.05
CA ARG D 658 4.73 -19.99 24.84
C ARG D 658 5.24 -21.13 23.97
N HIS D 659 4.49 -21.50 22.93
CA HIS D 659 4.86 -22.60 22.07
C HIS D 659 5.48 -22.17 20.75
N SER D 660 5.15 -20.97 20.27
CA SER D 660 5.63 -20.51 18.97
C SER D 660 7.02 -19.91 19.12
N LYS D 661 8.00 -20.51 18.43
CA LYS D 661 9.34 -19.95 18.45
C LYS D 661 9.40 -18.61 17.74
N GLY D 662 8.57 -18.42 16.71
CA GLY D 662 8.60 -17.18 15.96
C GLY D 662 7.94 -16.01 16.65
N LEU D 663 6.89 -16.27 17.42
CA LEU D 663 6.21 -15.18 18.12
C LEU D 663 7.10 -14.55 19.18
N GLN D 664 7.93 -15.35 19.84
CA GLN D 664 8.88 -14.79 20.79
C GLN D 664 9.90 -13.89 20.10
N ILE D 665 10.25 -14.21 18.86
CA ILE D 665 11.14 -13.32 18.10
C ILE D 665 10.46 -11.99 17.85
N LEU D 666 9.16 -12.01 17.56
CA LEU D 666 8.45 -10.76 17.37
C LEU D 666 8.35 -9.97 18.67
N GLY D 667 8.20 -10.66 19.79
CA GLY D 667 8.14 -9.95 21.06
C GLY D 667 9.46 -9.34 21.44
N ARG D 668 10.56 -10.05 21.18
CA ARG D 668 11.88 -9.48 21.40
C ARG D 668 12.16 -8.33 20.45
N THR D 669 11.64 -8.41 19.22
CA THR D 669 11.81 -7.30 18.29
C THR D 669 11.06 -6.07 18.77
N LEU D 670 9.88 -6.26 19.36
CA LEU D 670 9.13 -5.13 19.87
C LEU D 670 9.78 -4.54 21.11
N LYS D 671 10.27 -5.39 22.00
CA LYS D 671 10.95 -4.89 23.19
C LYS D 671 12.26 -4.19 22.84
N ALA D 672 12.94 -4.63 21.78
CA ALA D 672 14.22 -4.08 21.41
C ALA D 672 14.12 -2.81 20.58
N SER D 673 12.93 -2.42 20.14
CA SER D 673 12.78 -1.28 19.26
C SER D 673 11.59 -0.42 19.68
N MET D 674 11.43 -0.21 20.98
CA MET D 674 10.36 0.66 21.45
C MET D 674 10.57 2.10 21.00
N ARG D 675 11.83 2.54 20.88
CA ARG D 675 12.10 3.92 20.50
C ARG D 675 11.65 4.18 19.06
N GLU D 676 11.95 3.26 18.14
CA GLU D 676 11.50 3.43 16.77
C GLU D 676 9.99 3.36 16.65
N LEU D 677 9.33 2.53 17.46
CA LEU D 677 7.87 2.49 17.44
C LEU D 677 7.28 3.80 17.93
N GLY D 678 7.90 4.39 18.95
CA GLY D 678 7.43 5.67 19.43
C GLY D 678 7.68 6.78 18.41
N LEU D 679 8.81 6.71 17.71
CA LEU D 679 9.08 7.68 16.65
C LEU D 679 8.07 7.55 15.52
N LEU D 680 7.66 6.32 15.22
CA LEU D 680 6.68 6.10 14.17
C LEU D 680 5.32 6.64 14.56
N ILE D 681 4.89 6.36 15.79
CA ILE D 681 3.62 6.89 16.27
C ILE D 681 3.67 8.41 16.34
N PHE D 682 4.83 8.97 16.67
CA PHE D 682 4.97 10.42 16.72
C PHE D 682 4.83 11.04 15.35
N PHE D 683 5.47 10.45 14.35
CA PHE D 683 5.37 10.98 12.99
C PHE D 683 3.94 10.87 12.48
N LEU D 684 3.26 9.76 12.79
CA LEU D 684 1.87 9.65 12.37
C LEU D 684 0.98 10.66 13.07
N PHE D 685 1.23 10.94 14.35
CA PHE D 685 0.41 11.92 15.04
C PHE D 685 0.62 13.32 14.46
N ILE D 686 1.88 13.66 14.16
CA ILE D 686 2.16 14.97 13.60
C ILE D 686 1.53 15.11 12.22
N GLY D 687 1.68 14.09 11.38
CA GLY D 687 1.11 14.17 10.04
C GLY D 687 -0.40 14.19 10.06
N VAL D 688 -1.01 13.44 10.98
CA VAL D 688 -2.46 13.41 11.08
C VAL D 688 -2.98 14.78 11.47
N VAL D 689 -2.38 15.39 12.50
CA VAL D 689 -2.86 16.71 12.93
C VAL D 689 -2.66 17.73 11.82
N LEU D 690 -1.51 17.69 11.16
CA LEU D 690 -1.22 18.71 10.15
C LEU D 690 -2.16 18.59 8.96
N PHE D 691 -2.27 17.39 8.37
CA PHE D 691 -3.10 17.23 7.20
C PHE D 691 -4.58 17.33 7.53
N SER D 692 -4.98 16.99 8.76
CA SER D 692 -6.38 17.16 9.12
C SER D 692 -6.73 18.64 9.18
N SER D 693 -5.89 19.44 9.82
CA SER D 693 -6.16 20.87 9.86
C SER D 693 -6.14 21.46 8.46
N ALA D 694 -5.22 20.97 7.61
CA ALA D 694 -5.12 21.52 6.27
C ALA D 694 -6.36 21.21 5.44
N VAL D 695 -6.79 19.94 5.43
CA VAL D 695 -7.97 19.59 4.64
C VAL D 695 -9.22 20.24 5.20
N TYR D 696 -9.31 20.42 6.52
CA TYR D 696 -10.50 21.02 7.07
C TYR D 696 -10.58 22.49 6.68
N PHE D 697 -9.50 23.23 6.84
CA PHE D 697 -9.53 24.63 6.46
C PHE D 697 -9.64 24.82 4.96
N ALA D 698 -9.18 23.84 4.16
CA ALA D 698 -9.46 23.87 2.74
C ALA D 698 -10.95 23.68 2.46
N GLU D 699 -11.64 22.88 3.27
CA GLU D 699 -13.07 22.65 3.06
C GLU D 699 -13.96 23.62 3.80
N ALA D 700 -13.41 24.52 4.60
CA ALA D 700 -14.24 25.37 5.45
C ALA D 700 -15.14 26.30 4.64
N GLY D 701 -14.69 26.71 3.44
CA GLY D 701 -15.46 27.67 2.68
C GLY D 701 -16.65 27.11 1.92
N SER D 702 -16.57 25.84 1.52
CA SER D 702 -17.63 25.26 0.70
C SER D 702 -18.88 25.03 1.53
N GLU D 703 -20.04 25.21 0.88
CA GLU D 703 -21.31 24.86 1.50
C GLU D 703 -21.41 23.36 1.68
N ASN D 704 -22.03 22.95 2.78
CA ASN D 704 -22.16 21.54 3.15
C ASN D 704 -20.79 20.85 3.15
N SER D 705 -19.95 21.32 4.06
CA SER D 705 -18.57 20.85 4.12
C SER D 705 -18.52 19.36 4.45
N PHE D 706 -17.61 18.65 3.77
CA PHE D 706 -17.46 17.22 4.00
C PHE D 706 -16.96 16.92 5.40
N PHE D 707 -16.19 17.83 5.99
CA PHE D 707 -15.58 17.62 7.30
C PHE D 707 -16.16 18.64 8.27
N LYS D 708 -16.93 18.16 9.25
CA LYS D 708 -17.54 19.06 10.22
C LYS D 708 -16.50 19.74 11.10
N SER D 709 -15.35 19.10 11.33
CA SER D 709 -14.35 19.65 12.22
C SER D 709 -13.02 18.95 11.98
N ILE D 710 -11.95 19.55 12.50
CA ILE D 710 -10.63 18.95 12.39
C ILE D 710 -10.58 17.54 12.98
N PRO D 711 -11.09 17.27 14.19
CA PRO D 711 -11.08 15.89 14.68
C PRO D 711 -11.82 14.93 13.77
N ASP D 712 -12.87 15.39 13.09
CA ASP D 712 -13.60 14.52 12.17
C ASP D 712 -12.71 14.06 11.03
N ALA D 713 -11.72 14.88 10.65
CA ALA D 713 -10.82 14.54 9.56
C ALA D 713 -9.68 13.62 9.98
N PHE D 714 -9.57 13.29 11.27
CA PHE D 714 -8.46 12.44 11.71
C PHE D 714 -8.52 11.07 11.04
N TRP D 715 -9.72 10.53 10.88
CA TRP D 715 -9.84 9.21 10.27
C TRP D 715 -9.43 9.25 8.80
N TRP D 716 -9.82 10.31 8.09
CA TRP D 716 -9.41 10.44 6.71
C TRP D 716 -7.91 10.60 6.58
N ALA D 717 -7.31 11.37 7.49
CA ALA D 717 -5.86 11.54 7.44
C ALA D 717 -5.14 10.23 7.75
N VAL D 718 -5.69 9.42 8.66
CA VAL D 718 -5.05 8.16 9.01
C VAL D 718 -5.13 7.19 7.85
N VAL D 719 -6.32 7.04 7.27
CA VAL D 719 -6.46 6.10 6.16
C VAL D 719 -5.73 6.57 4.92
N THR D 720 -5.51 7.87 4.77
CA THR D 720 -4.77 8.35 3.59
C THR D 720 -3.27 8.19 3.78
N MET D 721 -2.73 8.54 4.94
CA MET D 721 -1.30 8.40 5.15
C MET D 721 -0.85 6.95 5.11
N THR D 722 -1.70 6.02 5.53
CA THR D 722 -1.39 4.60 5.53
C THR D 722 -1.73 3.92 4.21
N THR D 723 -2.25 4.67 3.24
CA THR D 723 -2.67 4.13 1.94
C THR D 723 -3.70 3.02 2.09
N VAL D 724 -4.56 3.13 3.12
CA VAL D 724 -5.69 2.23 3.20
C VAL D 724 -6.84 2.72 2.32
N GLY D 725 -7.08 4.02 2.32
CA GLY D 725 -8.11 4.59 1.47
C GLY D 725 -9.38 4.93 2.21
N TYR D 726 -9.92 6.11 1.92
CA TYR D 726 -11.15 6.57 2.56
C TYR D 726 -12.41 6.10 1.84
N GLY D 727 -12.27 5.43 0.70
CA GLY D 727 -13.44 5.07 -0.08
C GLY D 727 -13.98 6.29 -0.80
N ASP D 728 -15.27 6.56 -0.61
CA ASP D 728 -15.90 7.70 -1.25
C ASP D 728 -15.21 8.98 -0.79
N MET D 729 -15.03 9.91 -1.73
CA MET D 729 -14.12 11.03 -1.49
C MET D 729 -14.53 12.20 -2.38
N THR D 730 -15.52 11.96 -3.24
CA THR D 730 -15.88 12.95 -4.26
C THR D 730 -16.34 14.31 -3.71
N PRO D 731 -17.21 14.42 -2.67
CA PRO D 731 -17.75 15.75 -2.35
C PRO D 731 -16.69 16.67 -1.77
N VAL D 732 -15.69 17.00 -2.57
CA VAL D 732 -14.48 17.68 -2.09
C VAL D 732 -13.97 18.62 -3.17
N GLY D 733 -13.49 19.78 -2.75
CA GLY D 733 -12.98 20.77 -3.67
C GLY D 733 -11.56 20.47 -4.11
N VAL D 734 -11.05 21.36 -4.97
CA VAL D 734 -9.71 21.18 -5.52
C VAL D 734 -8.67 21.23 -4.40
N TRP D 735 -8.85 22.12 -3.43
CA TRP D 735 -7.86 22.28 -2.38
C TRP D 735 -7.80 21.05 -1.49
N GLY D 736 -8.94 20.42 -1.26
CA GLY D 736 -8.94 19.21 -0.46
C GLY D 736 -8.26 18.06 -1.17
N LYS D 737 -8.43 17.98 -2.49
CA LYS D 737 -7.72 16.95 -3.25
C LYS D 737 -6.22 17.21 -3.29
N ILE D 738 -5.81 18.48 -3.35
CA ILE D 738 -4.38 18.78 -3.31
C ILE D 738 -3.80 18.39 -1.96
N VAL D 739 -4.51 18.73 -0.88
CA VAL D 739 -4.04 18.35 0.44
C VAL D 739 -4.04 16.84 0.59
N GLY D 740 -4.96 16.14 -0.05
CA GLY D 740 -4.97 14.69 0.03
C GLY D 740 -3.83 14.05 -0.72
N SER D 741 -3.44 14.64 -1.85
CA SER D 741 -2.28 14.14 -2.57
C SER D 741 -1.01 14.33 -1.74
N LEU D 742 -0.85 15.53 -1.16
CA LEU D 742 0.29 15.75 -0.29
C LEU D 742 0.25 14.83 0.92
N CYS D 743 -0.96 14.54 1.43
CA CYS D 743 -1.08 13.66 2.58
C CYS D 743 -0.67 12.24 2.24
N ALA D 744 -1.04 11.76 1.05
CA ALA D 744 -0.65 10.42 0.66
C ALA D 744 0.86 10.32 0.51
N ILE D 745 1.48 11.32 -0.12
CA ILE D 745 2.93 11.28 -0.31
C ILE D 745 3.65 11.32 1.03
N ALA D 746 3.28 12.28 1.88
CA ALA D 746 3.94 12.41 3.17
C ALA D 746 3.69 11.20 4.05
N GLY D 747 2.52 10.57 3.95
CA GLY D 747 2.27 9.39 4.76
C GLY D 747 3.10 8.21 4.31
N VAL D 748 3.28 8.06 2.99
CA VAL D 748 4.15 7.00 2.51
C VAL D 748 5.57 7.21 3.01
N LEU D 749 6.05 8.46 2.96
CA LEU D 749 7.42 8.72 3.40
C LEU D 749 7.57 8.51 4.89
N THR D 750 6.65 9.04 5.70
CA THR D 750 6.76 8.91 7.15
C THR D 750 6.60 7.47 7.62
N ILE D 751 5.77 6.67 6.94
CA ILE D 751 5.71 5.26 7.26
C ILE D 751 7.02 4.58 6.87
N ALA D 752 7.67 5.06 5.81
CA ALA D 752 8.83 4.37 5.27
C ALA D 752 10.10 4.54 6.10
N LEU D 753 10.16 5.51 7.01
CA LEU D 753 11.45 5.80 7.61
C LEU D 753 11.77 4.95 8.85
N PRO D 754 10.96 4.98 9.91
CA PRO D 754 11.30 4.16 11.09
C PRO D 754 11.35 2.67 10.82
N VAL D 755 10.55 2.19 9.87
CA VAL D 755 10.33 0.74 9.72
C VAL D 755 11.63 -0.05 9.54
N PRO D 756 12.58 0.36 8.70
CA PRO D 756 13.76 -0.48 8.47
C PRO D 756 14.53 -0.83 9.73
N VAL D 757 14.60 0.05 10.73
CA VAL D 757 15.29 -0.32 11.96
C VAL D 757 14.57 -1.47 12.65
N ILE D 758 13.23 -1.44 12.64
CA ILE D 758 12.47 -2.53 13.25
C ILE D 758 12.66 -3.80 12.46
N VAL D 759 12.70 -3.70 11.13
CA VAL D 759 12.91 -4.89 10.32
C VAL D 759 14.29 -5.45 10.56
N SER D 760 15.28 -4.59 10.81
CA SER D 760 16.63 -5.06 11.08
C SER D 760 16.69 -5.77 12.42
N ASN D 761 16.02 -5.23 13.43
CA ASN D 761 16.00 -5.91 14.72
C ASN D 761 15.29 -7.25 14.62
N PHE D 762 14.24 -7.33 13.81
CA PHE D 762 13.54 -8.60 13.66
C PHE D 762 14.41 -9.62 12.96
N ASN D 763 15.08 -9.21 11.88
CA ASN D 763 15.95 -10.14 11.16
C ASN D 763 17.11 -10.57 12.04
N TYR D 764 17.61 -9.66 12.89
CA TYR D 764 18.70 -9.99 13.79
C TYR D 764 18.27 -11.06 14.79
N PHE D 765 17.15 -10.84 15.47
CA PHE D 765 16.68 -11.83 16.42
C PHE D 765 16.30 -13.14 15.74
N TYR D 766 15.79 -13.07 14.51
CA TYR D 766 15.41 -14.28 13.81
C TYR D 766 16.63 -15.12 13.45
N HIS D 767 17.65 -14.50 12.86
CA HIS D 767 18.86 -15.25 12.56
C HIS D 767 19.59 -15.70 13.81
N ARG D 768 19.47 -14.96 14.91
CA ARG D 768 20.00 -15.45 16.18
C ARG D 768 19.25 -16.69 16.64
N GLU D 769 17.96 -16.80 16.30
CA GLU D 769 17.24 -18.03 16.59
C GLU D 769 17.78 -19.20 15.78
N THR D 770 18.36 -18.94 14.62
CA THR D 770 18.90 -20.01 13.77
C THR D 770 20.38 -19.80 13.51
N GLY E 280 6.71 -3.82 2.57
CA GLY E 280 5.29 -4.12 2.68
C GLY E 280 4.50 -3.57 1.52
N THR E 281 3.17 -3.58 1.63
CA THR E 281 2.33 -3.02 0.58
C THR E 281 2.66 -1.56 0.30
N MET E 282 2.31 -0.68 1.22
CA MET E 282 2.96 0.61 1.33
C MET E 282 3.66 0.75 2.68
N ALA E 283 3.81 -0.36 3.41
CA ALA E 283 4.77 -0.39 4.51
C ALA E 283 6.16 -0.12 3.98
N ALA E 284 6.43 -0.54 2.74
CA ALA E 284 7.60 -0.14 1.98
C ALA E 284 8.89 -0.37 2.74
N VAL E 285 9.25 -1.64 2.87
CA VAL E 285 10.58 -1.96 3.38
C VAL E 285 11.59 -1.39 2.41
N ALA E 286 12.66 -0.80 2.92
CA ALA E 286 13.67 -0.18 2.07
C ALA E 286 14.85 -1.15 1.91
N GLY E 287 14.52 -2.43 1.97
CA GLY E 287 15.56 -3.44 1.89
C GLY E 287 16.37 -3.47 3.15
N LEU E 288 17.62 -2.98 3.05
CA LEU E 288 18.58 -3.00 4.15
C LEU E 288 18.84 -4.42 4.64
N TYR E 289 18.74 -5.37 3.72
CA TYR E 289 19.16 -6.74 4.02
C TYR E 289 20.53 -6.94 3.37
N GLY E 290 21.44 -6.02 3.63
CA GLY E 290 22.71 -6.02 2.93
C GLY E 290 22.54 -5.85 1.44
N LEU E 291 21.49 -5.16 1.01
CA LEU E 291 21.06 -5.06 -0.38
C LEU E 291 20.78 -6.42 -0.99
N GLY E 292 20.63 -7.46 -0.15
CA GLY E 292 20.53 -8.81 -0.63
C GLY E 292 21.86 -9.50 -0.89
N GLU E 293 22.98 -8.84 -0.59
CA GLU E 293 24.32 -9.39 -0.78
C GLU E 293 24.57 -9.77 -2.24
N ASP E 294 23.94 -9.03 -3.15
CA ASP E 294 24.18 -9.21 -4.59
C ASP E 294 24.04 -7.89 -5.33
#